data_6UUV
#
_entry.id   6UUV
#
_cell.length_a   59.190
_cell.length_b   63.650
_cell.length_c   64.358
_cell.angle_alpha   69.700
_cell.angle_beta   65.450
_cell.angle_gamma   76.630
#
_symmetry.space_group_name_H-M   'P 1'
#
loop_
_entity.id
_entity.type
_entity.pdbx_description
1 polymer '3-ketoacyl-ACP reductase'
2 water water
#
_entity_poly.entity_id   1
_entity_poly.type   'polypeptide(L)'
_entity_poly.pdbx_seq_one_letter_code
;MHHHHHHSSGVDLGTENLYFQSNAMTDQYQAFTQSPIGKFVVKNLGLPSPVVLERFESAQPVVKGAVLVGAAPSSVLSGA
IAQVLSNIHTDSYVGNNVALQQEAAKVGLNLRPFNAGDKESKFKAVVFDASGIQNSEQLNELYKFFNPIARQVATSGRVI
VIGTTPETAKTVKQAIAQRALEGFIKSVGKEFKKGITAQVVYVDEGAAANLESTLRFLLSPRSAYVSGQVIRVSKADVVD
VDWAKPLAGKTALVTGASRGIGEAIAHVLARDGAHVICLDVPQQQADLDRVAADIGGSTLAIDITAADAGEKIKAAAAKQ
GGLDIIVHNAGITRDKTLANMKPELWDLVININLSAAERVNDYLLENDGLNANGRIVCVSSISGIAGNLGQTNYAASKAG
VIGLVKFTAPILKNGITINAVAPGFIETQMTAAIPFAIREAGRRMNSMQQGGLPVDVAETIAWFASTASTGVNGNVVRVC
GQSLLGA
;
_entity_poly.pdbx_strand_id   A,B
#
# COMPACT_ATOMS: atom_id res chain seq x y z
N PRO A 50 24.25 -15.78 0.07
CA PRO A 50 23.66 -14.58 0.68
C PRO A 50 24.32 -14.25 2.01
N VAL A 51 23.98 -13.10 2.56
CA VAL A 51 24.67 -12.58 3.74
C VAL A 51 24.10 -13.25 4.98
N VAL A 52 24.97 -13.51 5.97
CA VAL A 52 24.52 -13.89 7.31
C VAL A 52 24.10 -12.63 8.06
N LEU A 53 22.82 -12.57 8.44
CA LEU A 53 22.32 -11.36 9.09
C LEU A 53 22.68 -11.35 10.57
N GLU A 54 23.18 -10.21 11.02
CA GLU A 54 23.43 -9.96 12.43
C GLU A 54 22.11 -9.95 13.20
N ARG A 55 22.01 -10.73 14.28
CA ARG A 55 20.78 -10.73 15.08
C ARG A 55 21.13 -10.45 16.54
N PHE A 56 20.11 -10.39 17.40
CA PHE A 56 20.30 -9.90 18.77
C PHE A 56 21.20 -10.85 19.57
N GLU A 57 22.16 -10.27 20.29
CA GLU A 57 23.05 -11.01 21.18
C GLU A 57 22.83 -10.66 22.65
N SER A 58 22.92 -9.39 23.02
CA SER A 58 22.66 -8.97 24.38
C SER A 58 22.23 -7.50 24.37
N ALA A 59 21.76 -7.03 25.53
CA ALA A 59 21.06 -5.74 25.57
C ALA A 59 21.99 -4.57 25.23
N GLN A 60 23.27 -4.67 25.58
CA GLN A 60 24.27 -3.70 25.17
C GLN A 60 25.40 -4.40 24.42
N PRO A 61 26.00 -3.75 23.41
CA PRO A 61 25.61 -2.43 22.90
C PRO A 61 24.39 -2.54 21.98
N VAL A 62 23.60 -1.48 21.87
CA VAL A 62 22.49 -1.50 20.92
C VAL A 62 23.02 -1.60 19.49
N VAL A 63 24.10 -0.88 19.19
CA VAL A 63 24.72 -0.82 17.86
C VAL A 63 26.20 -1.12 18.02
N LYS A 64 26.68 -2.12 17.31
CA LYS A 64 28.11 -2.40 17.21
C LYS A 64 28.64 -1.65 15.98
N GLY A 65 29.50 -0.68 16.20
CA GLY A 65 30.08 0.12 15.13
C GLY A 65 29.68 1.57 15.27
N ALA A 66 30.12 2.35 14.29
CA ALA A 66 29.87 3.79 14.28
C ALA A 66 28.52 4.11 13.64
N VAL A 67 27.94 5.23 14.06
CA VAL A 67 26.70 5.77 13.50
C VAL A 67 27.03 7.15 12.92
N LEU A 68 26.60 7.39 11.69
CA LEU A 68 26.71 8.71 11.07
C LEU A 68 25.33 9.34 11.06
N VAL A 69 25.22 10.58 11.53
CA VAL A 69 23.95 11.28 11.54
C VAL A 69 24.03 12.52 10.65
N GLY A 70 22.93 12.78 9.92
CA GLY A 70 22.82 13.97 9.11
C GLY A 70 21.43 14.56 9.25
N ALA A 71 21.27 15.78 8.74
CA ALA A 71 19.97 16.41 8.79
C ALA A 71 19.87 17.47 7.70
N ALA A 72 18.66 17.62 7.18
CA ALA A 72 18.34 18.71 6.25
C ALA A 72 18.26 20.03 7.02
N PRO A 73 18.50 21.14 6.33
CA PRO A 73 18.33 22.45 6.97
C PRO A 73 16.93 22.59 7.54
N SER A 74 16.84 23.18 8.73
CA SER A 74 15.59 23.50 9.40
C SER A 74 14.84 22.26 9.90
N SER A 75 15.54 21.16 10.15
CA SER A 75 14.91 19.98 10.73
C SER A 75 14.56 20.21 12.21
N VAL A 76 13.59 19.45 12.69
CA VAL A 76 13.05 19.60 14.04
C VAL A 76 13.18 18.33 14.87
N LEU A 77 13.77 17.27 14.33
CA LEU A 77 13.86 16.01 15.04
C LEU A 77 15.27 15.69 15.51
N SER A 78 16.22 16.59 15.27
CA SER A 78 17.63 16.24 15.46
C SER A 78 17.99 16.15 16.93
N GLY A 79 17.42 17.00 17.77
CA GLY A 79 17.63 16.85 19.20
C GLY A 79 17.17 15.50 19.70
N ALA A 80 15.97 15.09 19.28
CA ALA A 80 15.42 13.80 19.72
C ALA A 80 16.30 12.65 19.26
N ILE A 81 16.74 12.69 18.00
CA ILE A 81 17.65 11.66 17.49
C ILE A 81 18.95 11.66 18.29
N ALA A 82 19.51 12.86 18.51
CA ALA A 82 20.79 12.95 19.21
C ALA A 82 20.69 12.42 20.64
N GLN A 83 19.56 12.66 21.31
CA GLN A 83 19.38 12.12 22.65
C GLN A 83 19.43 10.59 22.64
N VAL A 84 18.72 9.95 21.72
CA VAL A 84 18.75 8.48 21.67
C VAL A 84 20.19 8.00 21.44
N LEU A 85 20.92 8.67 20.54
CA LEU A 85 22.28 8.25 20.24
C LEU A 85 23.18 8.41 21.46
N SER A 86 22.99 9.49 22.23
CA SER A 86 23.69 9.65 23.49
C SER A 86 23.27 8.57 24.47
N ASN A 87 21.97 8.26 24.50
CA ASN A 87 21.46 7.26 25.43
C ASN A 87 22.11 5.89 25.22
N ILE A 88 22.34 5.50 23.97
CA ILE A 88 22.81 4.14 23.68
C ILE A 88 24.33 4.06 23.59
N HIS A 89 25.03 5.17 23.85
CA HIS A 89 26.49 5.18 24.02
C HIS A 89 27.19 4.60 22.81
N THR A 90 26.94 5.19 21.66
CA THR A 90 27.58 4.72 20.45
C THR A 90 28.47 5.82 19.88
N ASP A 91 29.51 5.37 19.17
CA ASP A 91 30.40 6.25 18.42
C ASP A 91 29.62 6.97 17.33
N SER A 92 29.34 8.25 17.52
CA SER A 92 28.47 8.99 16.61
C SER A 92 29.26 10.06 15.89
N TYR A 93 29.06 10.16 14.58
CA TYR A 93 29.77 11.09 13.71
C TYR A 93 28.78 11.99 12.99
N VAL A 94 29.26 13.17 12.62
CA VAL A 94 28.48 14.16 11.88
C VAL A 94 29.37 14.79 10.83
N GLY A 95 28.75 15.23 9.73
CA GLY A 95 29.43 16.01 8.71
C GLY A 95 29.43 17.49 9.04
N ASN A 96 29.75 18.30 8.03
CA ASN A 96 29.79 19.75 8.16
C ASN A 96 28.36 20.28 8.17
N ASN A 97 27.75 20.23 9.37
CA ASN A 97 26.40 20.73 9.59
C ASN A 97 26.39 21.42 10.94
N VAL A 98 26.53 22.75 10.93
CA VAL A 98 26.68 23.49 12.20
C VAL A 98 25.43 23.33 13.05
N ALA A 99 24.24 23.52 12.46
CA ALA A 99 23.02 23.44 13.26
C ALA A 99 22.86 22.08 13.91
N LEU A 100 23.17 21.01 13.16
CA LEU A 100 23.07 19.67 13.70
C LEU A 100 24.08 19.44 14.82
N GLN A 101 25.31 19.91 14.62
CA GLN A 101 26.29 19.78 15.69
C GLN A 101 25.83 20.50 16.95
N GLN A 102 25.23 21.69 16.77
CA GLN A 102 24.74 22.44 17.93
C GLN A 102 23.56 21.74 18.59
N GLU A 103 22.66 21.16 17.81
CA GLU A 103 21.54 20.42 18.40
C GLU A 103 22.03 19.22 19.20
N ALA A 104 23.06 18.54 18.71
CA ALA A 104 23.59 17.39 19.45
C ALA A 104 24.29 17.83 20.73
N ALA A 105 25.05 18.94 20.66
CA ALA A 105 25.72 19.45 21.84
C ALA A 105 24.74 19.89 22.91
N LYS A 106 23.57 20.41 22.51
CA LYS A 106 22.59 20.88 23.48
C LYS A 106 21.99 19.74 24.30
N VAL A 107 22.09 18.49 23.83
CA VAL A 107 21.61 17.34 24.60
C VAL A 107 22.75 16.46 25.07
N GLY A 108 24.00 16.90 24.92
CA GLY A 108 25.13 16.22 25.52
C GLY A 108 25.79 15.15 24.68
N LEU A 109 25.53 15.12 23.38
CA LEU A 109 26.12 14.12 22.50
C LEU A 109 27.36 14.71 21.84
N ASN A 110 28.51 14.07 22.06
CA ASN A 110 29.75 14.46 21.41
C ASN A 110 29.77 13.82 20.03
N LEU A 111 29.57 14.62 18.99
CA LEU A 111 29.61 14.15 17.62
C LEU A 111 31.01 14.40 17.06
N ARG A 112 31.72 13.31 16.75
CA ARG A 112 32.98 13.44 16.05
C ARG A 112 32.71 13.88 14.62
N PRO A 113 33.38 14.91 14.12
CA PRO A 113 33.20 15.27 12.70
C PRO A 113 33.80 14.20 11.81
N PHE A 114 33.11 13.92 10.71
CA PHE A 114 33.48 12.89 9.75
C PHE A 114 34.04 13.56 8.51
N ASN A 115 35.24 13.15 8.11
CA ASN A 115 35.91 13.80 6.98
C ASN A 115 35.25 13.38 5.68
N ALA A 116 34.56 14.32 5.03
CA ALA A 116 33.93 14.06 3.75
C ALA A 116 34.90 13.47 2.73
N GLY A 117 36.20 13.65 2.92
CA GLY A 117 37.22 13.03 2.10
C GLY A 117 37.50 11.58 2.44
N ASP A 118 36.88 11.05 3.48
CA ASP A 118 37.10 9.67 3.91
C ASP A 118 36.08 8.77 3.22
N LYS A 119 36.56 7.94 2.27
CA LYS A 119 35.73 6.95 1.60
C LYS A 119 35.99 5.54 2.10
N GLU A 120 36.75 5.38 3.18
CA GLU A 120 37.14 4.08 3.71
C GLU A 120 36.42 3.68 4.99
N SER A 121 36.15 4.64 5.88
CA SER A 121 35.41 4.35 7.10
C SER A 121 34.07 3.72 6.79
N LYS A 122 33.69 2.73 7.58
CA LYS A 122 32.39 2.06 7.48
C LYS A 122 31.51 2.50 8.64
N PHE A 123 30.20 2.58 8.38
CA PHE A 123 29.23 2.92 9.42
C PHE A 123 28.21 1.81 9.52
N LYS A 124 27.94 1.37 10.75
CA LYS A 124 26.90 0.37 10.92
C LYS A 124 25.53 0.95 10.62
N ALA A 125 25.29 2.22 11.00
CA ALA A 125 24.03 2.86 10.70
C ALA A 125 24.27 4.28 10.21
N VAL A 126 23.49 4.70 9.22
CA VAL A 126 23.40 6.09 8.78
C VAL A 126 21.97 6.55 9.01
N VAL A 127 21.82 7.65 9.75
CA VAL A 127 20.52 8.15 10.20
C VAL A 127 20.39 9.58 9.70
N PHE A 128 19.28 9.88 9.02
CA PHE A 128 19.08 11.19 8.39
C PHE A 128 17.75 11.77 8.83
N ASP A 129 17.80 12.98 9.40
CA ASP A 129 16.59 13.69 9.80
C ASP A 129 16.14 14.49 8.57
N ALA A 130 15.12 13.98 7.88
CA ALA A 130 14.55 14.62 6.71
C ALA A 130 13.38 15.53 7.03
N SER A 131 13.06 15.74 8.32
CA SER A 131 11.91 16.57 8.66
C SER A 131 12.06 18.00 8.13
N GLY A 132 13.29 18.49 8.01
CA GLY A 132 13.52 19.82 7.47
C GLY A 132 13.26 19.98 5.97
N ILE A 133 13.03 18.89 5.25
CA ILE A 133 12.77 19.00 3.81
C ILE A 133 11.38 19.57 3.63
N GLN A 134 11.30 20.77 3.03
CA GLN A 134 10.06 21.54 3.00
C GLN A 134 9.31 21.45 1.68
N ASN A 135 9.94 20.99 0.63
CA ASN A 135 9.29 20.90 -0.67
C ASN A 135 10.11 19.93 -1.50
N SER A 136 9.61 19.64 -2.70
CA SER A 136 10.25 18.64 -3.56
C SER A 136 11.64 19.08 -4.01
N GLU A 137 11.88 20.38 -4.15
CA GLU A 137 13.21 20.83 -4.54
C GLU A 137 14.25 20.42 -3.50
N GLN A 138 13.89 20.46 -2.22
CA GLN A 138 14.81 20.11 -1.15
C GLN A 138 14.97 18.60 -0.99
N LEU A 139 14.35 17.78 -1.83
CA LEU A 139 14.63 16.34 -1.78
C LEU A 139 16.09 16.04 -2.09
N ASN A 140 16.80 16.96 -2.75
CA ASN A 140 18.23 16.72 -2.96
C ASN A 140 19.04 16.73 -1.67
N GLU A 141 18.45 17.07 -0.52
CA GLU A 141 19.14 16.82 0.74
C GLU A 141 19.38 15.34 0.97
N LEU A 142 18.52 14.49 0.39
CA LEU A 142 18.75 13.04 0.48
C LEU A 142 20.01 12.65 -0.28
N TYR A 143 20.16 13.18 -1.49
CA TYR A 143 21.36 12.93 -2.27
C TYR A 143 22.60 13.46 -1.57
N LYS A 144 22.53 14.70 -1.06
CA LYS A 144 23.70 15.32 -0.45
C LYS A 144 24.24 14.49 0.70
N PHE A 145 23.36 13.85 1.47
CA PHE A 145 23.83 13.05 2.61
C PHE A 145 24.22 11.64 2.18
N PHE A 146 23.38 10.97 1.40
CA PHE A 146 23.51 9.54 1.17
C PHE A 146 24.47 9.17 0.04
N ASN A 147 24.56 10.00 -1.01
CA ASN A 147 25.48 9.66 -2.09
C ASN A 147 26.93 9.53 -1.62
N PRO A 148 27.48 10.42 -0.78
CA PRO A 148 28.90 10.29 -0.40
C PRO A 148 29.24 9.05 0.41
N ILE A 149 28.27 8.44 1.11
CA ILE A 149 28.54 7.30 1.98
C ILE A 149 27.86 6.01 1.49
N ALA A 150 27.34 6.01 0.26
CA ALA A 150 26.53 4.89 -0.22
C ALA A 150 27.31 3.59 -0.31
N ARG A 151 28.64 3.64 -0.35
CA ARG A 151 29.42 2.41 -0.31
C ARG A 151 29.98 2.11 1.07
N GLN A 152 29.69 2.94 2.07
CA GLN A 152 30.36 2.86 3.36
C GLN A 152 29.43 2.39 4.47
N VAL A 153 28.28 1.84 4.13
CA VAL A 153 27.41 1.22 5.12
C VAL A 153 27.87 -0.22 5.34
N ALA A 154 28.03 -0.61 6.61
CA ALA A 154 28.58 -1.92 6.92
C ALA A 154 27.61 -3.04 6.55
N THR A 155 28.15 -4.27 6.49
CA THR A 155 27.33 -5.46 6.32
C THR A 155 26.33 -5.54 7.47
N SER A 156 25.10 -5.94 7.15
CA SER A 156 24.02 -5.97 8.12
C SER A 156 23.70 -4.59 8.66
N GLY A 157 23.97 -3.55 7.88
CA GLY A 157 23.87 -2.18 8.36
C GLY A 157 22.45 -1.64 8.27
N ARG A 158 22.32 -0.35 8.57
CA ARG A 158 21.02 0.31 8.67
C ARG A 158 21.05 1.64 7.95
N VAL A 159 20.07 1.87 7.08
CA VAL A 159 19.74 3.20 6.55
C VAL A 159 18.41 3.61 7.17
N ILE A 160 18.41 4.71 7.92
CA ILE A 160 17.21 5.12 8.63
C ILE A 160 16.94 6.58 8.29
N VAL A 161 15.80 6.85 7.65
CA VAL A 161 15.36 8.22 7.36
C VAL A 161 14.19 8.54 8.27
N ILE A 162 14.27 9.67 8.97
CA ILE A 162 13.26 10.07 9.94
C ILE A 162 12.62 11.34 9.46
N GLY A 163 11.31 11.28 9.19
CA GLY A 163 10.62 12.42 8.61
C GLY A 163 9.40 12.81 9.41
N THR A 164 8.64 13.76 8.88
CA THR A 164 7.39 14.21 9.47
C THR A 164 6.22 13.55 8.74
N THR A 165 5.30 12.96 9.52
CA THR A 165 4.19 12.26 8.91
C THR A 165 3.47 13.17 7.93
N PRO A 166 3.31 12.77 6.65
CA PRO A 166 2.80 13.71 5.65
C PRO A 166 1.47 14.30 5.99
N GLU A 167 0.56 13.47 6.53
CA GLU A 167 -0.77 13.90 6.94
C GLU A 167 -0.74 14.97 8.02
N THR A 168 0.35 15.08 8.78
CA THR A 168 0.49 16.08 9.83
C THR A 168 1.32 17.27 9.43
N ALA A 169 1.91 17.28 8.24
CA ALA A 169 2.73 18.41 7.84
C ALA A 169 1.87 19.65 7.69
N LYS A 170 2.44 20.81 8.01
CA LYS A 170 1.63 22.03 8.03
C LYS A 170 1.40 22.62 6.65
N THR A 171 2.21 22.26 5.64
CA THR A 171 1.98 22.72 4.28
C THR A 171 1.81 21.54 3.33
N VAL A 172 1.11 21.78 2.22
CA VAL A 172 0.96 20.74 1.20
C VAL A 172 2.30 20.41 0.56
N LYS A 173 3.14 21.43 0.29
CA LYS A 173 4.43 21.16 -0.32
C LYS A 173 5.30 20.24 0.56
N GLN A 174 5.30 20.46 1.89
CA GLN A 174 6.06 19.59 2.77
C GLN A 174 5.48 18.19 2.82
N ALA A 175 4.14 18.08 2.86
CA ALA A 175 3.50 16.76 2.84
C ALA A 175 3.91 15.98 1.61
N ILE A 176 3.97 16.64 0.46
CA ILE A 176 4.39 15.99 -0.79
C ILE A 176 5.83 15.50 -0.67
N ALA A 177 6.73 16.35 -0.17
CA ALA A 177 8.12 15.97 -0.08
C ALA A 177 8.33 14.84 0.94
N GLN A 178 7.63 14.91 2.08
CA GLN A 178 7.75 13.86 3.09
C GLN A 178 7.21 12.53 2.59
N ARG A 179 6.15 12.57 1.78
CA ARG A 179 5.64 11.36 1.14
C ARG A 179 6.68 10.76 0.19
N ALA A 180 7.43 11.61 -0.49
CA ALA A 180 8.44 11.11 -1.45
C ALA A 180 9.50 10.23 -0.78
N LEU A 181 9.71 10.40 0.53
CA LEU A 181 10.78 9.69 1.23
C LEU A 181 10.62 8.18 1.10
N GLU A 182 9.38 7.69 1.12
CA GLU A 182 9.16 6.24 1.03
C GLU A 182 9.71 5.68 -0.29
N GLY A 183 9.47 6.39 -1.40
CA GLY A 183 10.07 5.95 -2.67
C GLY A 183 11.58 5.82 -2.59
N PHE A 184 12.23 6.82 -1.97
CA PHE A 184 13.68 6.79 -1.83
C PHE A 184 14.14 5.58 -1.02
N ILE A 185 13.55 5.36 0.16
CA ILE A 185 14.11 4.31 1.02
C ILE A 185 13.85 2.93 0.43
N LYS A 186 12.74 2.75 -0.30
CA LYS A 186 12.47 1.42 -0.87
C LYS A 186 13.50 1.09 -1.94
N SER A 187 13.90 2.10 -2.72
CA SER A 187 14.95 1.91 -3.71
C SER A 187 16.31 1.65 -3.03
N VAL A 188 16.62 2.40 -1.97
CA VAL A 188 17.85 2.14 -1.23
C VAL A 188 17.85 0.69 -0.72
N GLY A 189 16.70 0.23 -0.22
CA GLY A 189 16.64 -1.10 0.34
C GLY A 189 16.94 -2.19 -0.67
N LYS A 190 16.66 -1.93 -1.95
CA LYS A 190 16.89 -2.90 -3.01
C LYS A 190 18.28 -2.77 -3.62
N GLU A 191 18.96 -1.67 -3.36
CA GLU A 191 20.19 -1.34 -4.05
C GLU A 191 21.45 -1.55 -3.21
N PHE A 192 21.39 -1.34 -1.89
CA PHE A 192 22.62 -1.30 -1.10
C PHE A 192 23.19 -2.68 -0.79
N LYS A 193 22.37 -3.73 -0.87
CA LYS A 193 22.82 -5.11 -0.63
C LYS A 193 23.42 -5.32 0.76
N LYS A 194 24.25 -6.37 0.89
CA LYS A 194 25.05 -6.61 2.09
C LYS A 194 24.19 -6.80 3.34
N GLY A 195 22.94 -7.23 3.18
CA GLY A 195 22.09 -7.39 4.36
C GLY A 195 21.68 -6.09 5.03
N ILE A 196 21.90 -4.95 4.38
CA ILE A 196 21.49 -3.65 4.92
C ILE A 196 19.99 -3.51 4.78
N THR A 197 19.36 -3.00 5.85
CA THR A 197 17.95 -2.66 5.79
C THR A 197 17.79 -1.15 5.62
N ALA A 198 16.64 -0.75 5.10
CA ALA A 198 16.31 0.66 4.92
C ALA A 198 14.89 0.93 5.41
N GLN A 199 14.71 1.97 6.22
CA GLN A 199 13.39 2.29 6.76
C GLN A 199 13.13 3.79 6.67
N VAL A 200 11.86 4.16 6.65
CA VAL A 200 11.43 5.53 6.95
C VAL A 200 10.58 5.51 8.21
N VAL A 201 10.94 6.31 9.19
CA VAL A 201 10.13 6.53 10.39
C VAL A 201 9.50 7.90 10.22
N TYR A 202 8.17 7.95 10.19
CA TYR A 202 7.43 9.20 10.19
C TYR A 202 7.07 9.56 11.62
N VAL A 203 7.43 10.76 12.04
CA VAL A 203 7.07 11.27 13.35
C VAL A 203 6.00 12.33 13.14
N ASP A 204 4.82 12.11 13.73
CA ASP A 204 3.77 13.12 13.69
C ASP A 204 4.33 14.45 14.19
N GLU A 205 3.92 15.54 13.54
CA GLU A 205 4.30 16.86 14.01
C GLU A 205 4.08 16.98 15.50
N GLY A 206 5.17 17.12 16.27
CA GLY A 206 5.08 17.30 17.71
C GLY A 206 5.36 16.07 18.54
N ALA A 207 5.60 14.92 17.92
CA ALA A 207 5.77 13.66 18.62
C ALA A 207 7.23 13.23 18.75
N ALA A 208 8.16 14.17 18.67
CA ALA A 208 9.60 13.82 18.69
C ALA A 208 9.96 13.02 19.93
N ALA A 209 9.27 13.25 21.04
CA ALA A 209 9.61 12.54 22.29
C ALA A 209 9.21 11.05 22.28
N ASN A 210 8.37 10.60 21.35
CA ASN A 210 7.87 9.21 21.32
C ASN A 210 8.67 8.34 20.33
N LEU A 211 9.81 8.80 19.88
CA LEU A 211 10.53 8.08 18.82
C LEU A 211 11.55 7.05 19.34
N GLU A 212 12.02 7.17 20.58
CA GLU A 212 13.16 6.35 21.06
C GLU A 212 13.03 4.84 20.83
N SER A 213 11.92 4.25 21.22
CA SER A 213 11.84 2.79 21.13
C SER A 213 11.93 2.32 19.67
N THR A 214 11.36 3.08 18.74
CA THR A 214 11.44 2.71 17.32
C THR A 214 12.85 2.90 16.77
N LEU A 215 13.50 4.02 17.12
CA LEU A 215 14.88 4.23 16.68
C LEU A 215 15.81 3.13 17.20
N ARG A 216 15.62 2.73 18.46
CA ARG A 216 16.45 1.67 19.04
C ARG A 216 16.24 0.35 18.32
N PHE A 217 14.98 -0.03 18.07
CA PHE A 217 14.71 -1.27 17.35
C PHE A 217 15.38 -1.28 15.98
N LEU A 218 15.22 -0.19 15.21
CA LEU A 218 15.77 -0.17 13.85
C LEU A 218 17.29 -0.11 13.85
N LEU A 219 17.89 0.62 14.80
CA LEU A 219 19.34 0.65 14.89
C LEU A 219 19.92 -0.70 15.27
N SER A 220 19.18 -1.51 16.02
CA SER A 220 19.71 -2.73 16.60
C SER A 220 19.63 -3.90 15.63
N PRO A 221 20.37 -4.97 15.89
CA PRO A 221 20.18 -6.22 15.12
C PRO A 221 18.81 -6.86 15.28
N ARG A 222 18.02 -6.46 16.28
CA ARG A 222 16.70 -7.08 16.46
C ARG A 222 15.85 -6.94 15.20
N SER A 223 16.05 -5.86 14.43
CA SER A 223 15.23 -5.58 13.25
C SER A 223 15.80 -6.18 11.98
N ALA A 224 16.57 -7.28 12.08
CA ALA A 224 17.37 -7.79 10.97
C ALA A 224 16.57 -8.07 9.70
N TYR A 225 15.32 -8.50 9.82
CA TYR A 225 14.50 -8.88 8.67
C TYR A 225 13.41 -7.86 8.37
N VAL A 226 13.51 -6.65 8.91
CA VAL A 226 12.55 -5.58 8.62
C VAL A 226 13.23 -4.59 7.70
N SER A 227 12.73 -4.47 6.47
CA SER A 227 13.35 -3.56 5.52
C SER A 227 12.34 -3.10 4.50
N GLY A 228 12.49 -1.84 4.07
CA GLY A 228 11.61 -1.23 3.11
C GLY A 228 10.34 -0.64 3.70
N GLN A 229 10.22 -0.60 5.02
CA GLN A 229 8.94 -0.37 5.67
C GLN A 229 8.81 1.08 6.12
N VAL A 230 7.57 1.49 6.33
CA VAL A 230 7.21 2.80 6.87
C VAL A 230 6.65 2.58 8.27
N ILE A 231 7.16 3.33 9.25
CA ILE A 231 6.69 3.23 10.64
C ILE A 231 6.24 4.62 11.07
N ARG A 232 5.05 4.71 11.67
CA ARG A 232 4.51 5.99 12.10
C ARG A 232 4.51 6.11 13.61
N VAL A 233 5.07 7.20 14.12
CA VAL A 233 5.16 7.48 15.56
C VAL A 233 4.26 8.66 15.87
N SER A 234 3.41 8.50 16.89
CA SER A 234 2.40 9.50 17.24
C SER A 234 2.63 9.98 18.67
N LYS A 235 1.93 11.05 19.03
CA LYS A 235 2.06 11.64 20.37
C LYS A 235 1.47 10.72 21.44
N ALA A 236 2.20 10.56 22.54
CA ALA A 236 1.74 9.75 23.66
C ALA A 236 2.56 10.11 24.89
N ASP A 237 2.12 9.63 26.04
CA ASP A 237 2.91 9.79 27.25
C ASP A 237 4.25 9.09 27.08
N VAL A 238 5.30 9.73 27.60
CA VAL A 238 6.61 9.08 27.69
C VAL A 238 6.67 8.37 29.03
N VAL A 239 6.84 7.05 29.01
CA VAL A 239 6.83 6.25 30.22
C VAL A 239 8.24 5.76 30.53
N ASP A 240 8.52 5.60 31.83
CA ASP A 240 9.80 5.04 32.26
C ASP A 240 9.91 3.60 31.79
N VAL A 241 11.14 3.18 31.53
CA VAL A 241 11.38 1.86 30.97
C VAL A 241 12.81 1.46 31.26
N ASP A 242 13.00 0.19 31.59
CA ASP A 242 14.33 -0.43 31.63
C ASP A 242 14.61 -0.95 30.23
N TRP A 243 15.48 -0.25 29.48
CA TRP A 243 15.65 -0.60 28.08
C TRP A 243 16.21 -2.00 27.90
N ALA A 244 16.93 -2.51 28.88
CA ALA A 244 17.39 -3.89 28.82
C ALA A 244 16.29 -4.90 29.11
N LYS A 245 15.25 -4.51 29.84
CA LYS A 245 14.10 -5.39 30.11
C LYS A 245 12.82 -4.60 29.87
N PRO A 246 12.53 -4.27 28.61
CA PRO A 246 11.43 -3.32 28.33
C PRO A 246 10.04 -3.89 28.56
N LEU A 247 9.91 -5.17 28.93
CA LEU A 247 8.65 -5.73 29.38
C LEU A 247 8.68 -6.11 30.86
N ALA A 248 9.62 -5.55 31.62
CA ALA A 248 9.77 -5.92 33.03
C ALA A 248 8.46 -5.67 33.77
N GLY A 249 8.05 -6.65 34.56
CA GLY A 249 6.85 -6.52 35.37
C GLY A 249 5.54 -6.73 34.62
N LYS A 250 5.58 -7.02 33.32
CA LYS A 250 4.37 -7.15 32.52
C LYS A 250 3.99 -8.61 32.34
N THR A 251 2.71 -8.85 32.08
CA THR A 251 2.21 -10.19 31.77
C THR A 251 1.67 -10.21 30.35
N ALA A 252 2.11 -11.20 29.57
CA ALA A 252 1.74 -11.34 28.17
C ALA A 252 1.04 -12.68 27.95
N LEU A 253 0.15 -12.70 26.97
CA LEU A 253 -0.49 -13.93 26.52
C LEU A 253 -0.24 -14.08 25.03
N VAL A 254 0.18 -15.26 24.62
CA VAL A 254 0.50 -15.56 23.23
C VAL A 254 -0.33 -16.74 22.78
N THR A 255 -1.17 -16.55 21.77
CA THR A 255 -1.92 -17.66 21.22
C THR A 255 -1.09 -18.42 20.19
N GLY A 256 -1.45 -19.69 19.97
CA GLY A 256 -0.61 -20.56 19.17
C GLY A 256 0.82 -20.67 19.70
N ALA A 257 0.97 -20.79 21.02
CA ALA A 257 2.28 -20.64 21.65
C ALA A 257 3.06 -21.95 21.80
N SER A 258 2.46 -23.10 21.46
CA SER A 258 3.09 -24.38 21.76
C SER A 258 4.21 -24.75 20.81
N ARG A 259 4.41 -24.00 19.72
CA ARG A 259 5.37 -24.40 18.69
C ARG A 259 5.58 -23.22 17.76
N GLY A 260 6.55 -23.36 16.86
CA GLY A 260 6.68 -22.47 15.72
C GLY A 260 6.92 -21.01 16.10
N ILE A 261 6.28 -20.12 15.35
CA ILE A 261 6.51 -18.70 15.59
C ILE A 261 5.97 -18.28 16.96
N GLY A 262 4.84 -18.86 17.37
CA GLY A 262 4.32 -18.55 18.70
C GLY A 262 5.30 -18.89 19.80
N GLU A 263 5.99 -20.03 19.69
CA GLU A 263 7.02 -20.37 20.67
C GLU A 263 8.16 -19.37 20.66
N ALA A 264 8.58 -18.93 19.47
CA ALA A 264 9.64 -17.93 19.38
C ALA A 264 9.19 -16.59 19.97
N ILE A 265 7.93 -16.23 19.74
CA ILE A 265 7.38 -15.02 20.36
C ILE A 265 7.47 -15.12 21.87
N ALA A 266 7.09 -16.27 22.41
CA ALA A 266 7.09 -16.44 23.87
C ALA A 266 8.49 -16.26 24.44
N HIS A 267 9.50 -16.80 23.75
CA HIS A 267 10.88 -16.67 24.22
C HIS A 267 11.32 -15.22 24.28
N VAL A 268 11.04 -14.47 23.22
CA VAL A 268 11.52 -13.09 23.17
C VAL A 268 10.78 -12.23 24.20
N LEU A 269 9.47 -12.40 24.33
CA LEU A 269 8.76 -11.64 25.36
C LEU A 269 9.31 -11.95 26.75
N ALA A 270 9.60 -13.22 27.02
CA ALA A 270 10.12 -13.60 28.32
C ALA A 270 11.54 -13.04 28.53
N ARG A 271 12.38 -13.13 27.49
CA ARG A 271 13.69 -12.49 27.53
C ARG A 271 13.57 -11.02 27.91
N ASP A 272 12.58 -10.31 27.38
CA ASP A 272 12.45 -8.88 27.63
C ASP A 272 11.82 -8.58 28.98
N GLY A 273 11.49 -9.59 29.78
CA GLY A 273 11.01 -9.40 31.13
C GLY A 273 9.61 -9.90 31.41
N ALA A 274 8.82 -10.28 30.41
CA ALA A 274 7.41 -10.55 30.65
C ALA A 274 7.19 -11.96 31.21
N HIS A 275 6.15 -12.09 32.04
CA HIS A 275 5.61 -13.40 32.37
C HIS A 275 4.68 -13.80 31.23
N VAL A 276 4.98 -14.90 30.54
CA VAL A 276 4.25 -15.25 29.33
C VAL A 276 3.27 -16.38 29.61
N ILE A 277 1.99 -16.09 29.38
CA ILE A 277 0.94 -17.12 29.39
C ILE A 277 0.89 -17.72 27.99
N CYS A 278 1.26 -18.98 27.88
CA CYS A 278 1.27 -19.69 26.62
C CYS A 278 -0.09 -20.36 26.40
N LEU A 279 -0.74 -20.01 25.30
CA LEU A 279 -2.09 -20.46 24.97
C LEU A 279 -2.06 -21.35 23.73
N ASP A 280 -2.73 -22.50 23.82
CA ASP A 280 -2.96 -23.37 22.65
C ASP A 280 -4.05 -24.37 23.03
N VAL A 281 -4.41 -25.24 22.09
CA VAL A 281 -5.51 -26.18 22.33
C VAL A 281 -5.07 -27.27 23.30
N PRO A 282 -5.99 -27.87 24.07
CA PRO A 282 -5.60 -28.92 25.04
C PRO A 282 -4.77 -30.04 24.44
N GLN A 283 -4.99 -30.38 23.17
CA GLN A 283 -4.21 -31.43 22.52
C GLN A 283 -2.73 -31.13 22.52
N GLN A 284 -2.34 -29.86 22.68
CA GLN A 284 -0.93 -29.48 22.72
C GLN A 284 -0.42 -29.23 24.14
N GLN A 285 -1.06 -29.82 25.15
CA GLN A 285 -0.69 -29.52 26.53
C GLN A 285 0.77 -29.84 26.79
N ALA A 286 1.28 -30.91 26.17
CA ALA A 286 2.67 -31.31 26.41
C ALA A 286 3.64 -30.25 25.91
N ASP A 287 3.47 -29.80 24.67
CA ASP A 287 4.33 -28.74 24.15
C ASP A 287 4.13 -27.44 24.93
N LEU A 288 2.91 -27.16 25.37
CA LEU A 288 2.65 -25.96 26.16
C LEU A 288 3.45 -25.96 27.44
N ASP A 289 3.40 -27.07 28.19
CA ASP A 289 4.18 -27.17 29.42
C ASP A 289 5.67 -27.00 29.14
N ARG A 290 6.16 -27.60 28.06
CA ARG A 290 7.58 -27.50 27.70
C ARG A 290 7.99 -26.05 27.47
N VAL A 291 7.18 -25.32 26.69
CA VAL A 291 7.52 -23.93 26.39
C VAL A 291 7.46 -23.08 27.65
N ALA A 292 6.40 -23.22 28.44
CA ALA A 292 6.24 -22.41 29.64
C ALA A 292 7.36 -22.67 30.63
N ALA A 293 7.81 -23.93 30.73
CA ALA A 293 8.93 -24.24 31.61
C ALA A 293 10.22 -23.63 31.09
N ASP A 294 10.44 -23.67 29.78
CA ASP A 294 11.65 -23.12 29.19
C ASP A 294 11.79 -21.63 29.45
N ILE A 295 10.65 -20.92 29.53
CA ILE A 295 10.64 -19.47 29.63
C ILE A 295 10.16 -18.97 30.98
N GLY A 296 9.81 -19.87 31.90
CA GLY A 296 9.31 -19.44 33.19
C GLY A 296 7.95 -18.78 33.10
N GLY A 297 7.09 -19.28 32.22
CA GLY A 297 5.76 -18.73 32.09
C GLY A 297 4.70 -19.65 32.65
N SER A 298 3.50 -19.59 32.08
CA SER A 298 2.41 -20.47 32.48
C SER A 298 1.68 -20.91 31.22
N THR A 299 0.64 -21.73 31.40
CA THR A 299 -0.11 -22.26 30.27
C THR A 299 -1.60 -22.02 30.46
N LEU A 300 -2.30 -21.88 29.34
CA LEU A 300 -3.76 -21.85 29.31
C LEU A 300 -4.18 -22.64 28.08
N ALA A 301 -4.75 -23.83 28.28
CA ALA A 301 -5.03 -24.75 27.18
C ALA A 301 -6.51 -24.69 26.84
N ILE A 302 -6.85 -23.81 25.89
CA ILE A 302 -8.23 -23.61 25.45
C ILE A 302 -8.22 -23.36 23.94
N ASP A 303 -9.39 -23.47 23.33
CA ASP A 303 -9.57 -23.10 21.93
C ASP A 303 -9.87 -21.61 21.88
N ILE A 304 -8.98 -20.84 21.25
CA ILE A 304 -9.13 -19.39 21.22
C ILE A 304 -10.42 -18.99 20.53
N THR A 305 -10.98 -19.84 19.68
CA THR A 305 -12.21 -19.49 18.97
C THR A 305 -13.47 -19.70 19.80
N ALA A 306 -13.37 -20.36 20.95
CA ALA A 306 -14.55 -20.65 21.76
C ALA A 306 -15.17 -19.37 22.30
N ALA A 307 -16.49 -19.40 22.50
CA ALA A 307 -17.21 -18.21 22.95
C ALA A 307 -16.67 -17.67 24.26
N ASP A 308 -16.17 -18.53 25.14
CA ASP A 308 -15.70 -18.11 26.45
C ASP A 308 -14.20 -17.84 26.51
N ALA A 309 -13.53 -17.70 25.36
CA ALA A 309 -12.08 -17.56 25.38
C ALA A 309 -11.64 -16.28 26.08
N GLY A 310 -12.29 -15.15 25.79
CA GLY A 310 -11.88 -13.90 26.42
C GLY A 310 -12.03 -13.94 27.93
N GLU A 311 -13.13 -14.54 28.39
CA GLU A 311 -13.38 -14.64 29.83
C GLU A 311 -12.31 -15.50 30.50
N LYS A 312 -11.91 -16.61 29.87
CA LYS A 312 -10.91 -17.48 30.48
C LYS A 312 -9.53 -16.84 30.45
N ILE A 313 -9.26 -16.01 29.44
CA ILE A 313 -7.99 -15.27 29.39
C ILE A 313 -7.93 -14.26 30.52
N LYS A 314 -9.00 -13.49 30.72
CA LYS A 314 -9.01 -12.51 31.80
C LYS A 314 -8.85 -13.20 33.15
N ALA A 315 -9.58 -14.30 33.36
CA ALA A 315 -9.48 -15.03 34.62
C ALA A 315 -8.05 -15.47 34.88
N ALA A 316 -7.41 -16.11 33.89
CA ALA A 316 -6.04 -16.59 34.06
C ALA A 316 -5.04 -15.46 34.28
N ALA A 317 -5.27 -14.29 33.68
CA ALA A 317 -4.34 -13.19 33.87
C ALA A 317 -4.51 -12.50 35.22
N ALA A 318 -5.66 -12.69 35.89
CA ALA A 318 -5.89 -12.02 37.16
C ALA A 318 -4.84 -12.42 38.19
N LYS A 319 -4.38 -13.67 38.13
CA LYS A 319 -3.41 -14.18 39.11
C LYS A 319 -2.06 -13.49 38.99
N GLN A 320 -1.76 -12.88 37.85
CA GLN A 320 -0.49 -12.23 37.59
C GLN A 320 -0.60 -10.70 37.58
N GLY A 321 -1.67 -10.16 38.16
CA GLY A 321 -1.88 -8.72 38.14
C GLY A 321 -2.59 -8.18 36.93
N GLY A 322 -3.26 -9.03 36.16
CA GLY A 322 -3.98 -8.58 34.98
C GLY A 322 -3.12 -8.68 33.74
N LEU A 323 -3.78 -8.58 32.59
CA LEU A 323 -3.13 -8.79 31.30
C LEU A 323 -2.63 -7.47 30.75
N ASP A 324 -1.34 -7.43 30.39
CA ASP A 324 -0.78 -6.25 29.73
C ASP A 324 -0.68 -6.41 28.23
N ILE A 325 -0.30 -7.59 27.75
CA ILE A 325 0.02 -7.79 26.33
C ILE A 325 -0.73 -9.02 25.83
N ILE A 326 -1.38 -8.89 24.67
CA ILE A 326 -1.91 -10.07 23.99
C ILE A 326 -1.42 -10.08 22.54
N VAL A 327 -0.91 -11.24 22.12
CA VAL A 327 -0.35 -11.44 20.79
C VAL A 327 -1.22 -12.50 20.11
N HIS A 328 -2.01 -12.08 19.13
CA HIS A 328 -2.86 -12.98 18.35
C HIS A 328 -2.04 -13.67 17.26
N ASN A 329 -1.34 -14.73 17.64
CA ASN A 329 -0.52 -15.48 16.71
C ASN A 329 -1.19 -16.73 16.15
N ALA A 330 -2.16 -17.31 16.87
CA ALA A 330 -2.91 -18.45 16.36
C ALA A 330 -3.40 -18.17 14.94
N GLY A 331 -3.22 -19.14 14.05
CA GLY A 331 -3.62 -18.92 12.69
C GLY A 331 -3.30 -20.10 11.79
N ILE A 332 -4.12 -20.31 10.77
CA ILE A 332 -3.99 -21.47 9.89
C ILE A 332 -4.14 -21.00 8.45
N THR A 333 -3.62 -21.83 7.53
CA THR A 333 -3.94 -21.72 6.12
C THR A 333 -4.63 -23.00 5.67
N ARG A 334 -5.63 -22.87 4.80
CA ARG A 334 -6.28 -24.01 4.16
C ARG A 334 -6.32 -23.65 2.68
N ASP A 335 -5.18 -23.83 2.02
CA ASP A 335 -4.98 -23.32 0.66
C ASP A 335 -5.74 -24.18 -0.32
N LYS A 336 -6.69 -23.57 -1.03
CA LYS A 336 -7.44 -24.21 -2.09
C LYS A 336 -7.85 -23.12 -3.06
N THR A 337 -7.92 -23.45 -4.36
CA THR A 337 -8.56 -22.50 -5.26
C THR A 337 -10.01 -22.34 -4.84
N LEU A 338 -10.56 -21.15 -5.11
CA LEU A 338 -11.93 -20.87 -4.68
C LEU A 338 -12.90 -21.87 -5.29
N ALA A 339 -12.64 -22.30 -6.52
CA ALA A 339 -13.53 -23.24 -7.21
C ALA A 339 -13.56 -24.60 -6.52
N ASN A 340 -12.45 -25.00 -5.89
CA ASN A 340 -12.35 -26.30 -5.24
C ASN A 340 -12.61 -26.24 -3.73
N MET A 341 -12.69 -25.05 -3.15
CA MET A 341 -12.76 -24.89 -1.70
C MET A 341 -14.13 -25.28 -1.16
N LYS A 342 -14.15 -26.04 -0.05
CA LYS A 342 -15.39 -26.37 0.63
C LYS A 342 -15.83 -25.21 1.54
N PRO A 343 -17.14 -25.06 1.78
CA PRO A 343 -17.59 -23.94 2.61
C PRO A 343 -16.96 -23.92 3.99
N GLU A 344 -16.85 -25.08 4.63
CA GLU A 344 -16.31 -25.12 5.99
C GLU A 344 -14.84 -24.69 6.01
N LEU A 345 -14.12 -24.84 4.91
CA LEU A 345 -12.72 -24.39 4.88
C LEU A 345 -12.61 -22.88 4.72
N TRP A 346 -13.55 -22.25 4.02
CA TRP A 346 -13.64 -20.81 4.05
C TRP A 346 -13.90 -20.33 5.47
N ASP A 347 -14.97 -20.85 6.09
CA ASP A 347 -15.39 -20.40 7.41
C ASP A 347 -14.27 -20.59 8.44
N LEU A 348 -13.67 -21.78 8.44
CA LEU A 348 -12.62 -22.09 9.41
C LEU A 348 -11.51 -21.05 9.38
N VAL A 349 -11.06 -20.67 8.18
CA VAL A 349 -9.92 -19.77 8.07
C VAL A 349 -10.30 -18.36 8.54
N ILE A 350 -11.48 -17.88 8.15
CA ILE A 350 -11.94 -16.58 8.65
C ILE A 350 -12.07 -16.60 10.17
N ASN A 351 -12.57 -17.71 10.71
CA ASN A 351 -12.86 -17.78 12.14
C ASN A 351 -11.58 -17.68 12.97
N ILE A 352 -10.64 -18.60 12.71
CA ILE A 352 -9.40 -18.65 13.49
C ILE A 352 -8.56 -17.41 13.27
N ASN A 353 -8.47 -16.92 12.03
CA ASN A 353 -7.51 -15.87 11.71
C ASN A 353 -8.02 -14.48 12.03
N LEU A 354 -9.34 -14.28 12.14
CA LEU A 354 -9.88 -12.94 12.27
C LEU A 354 -10.99 -12.85 13.32
N SER A 355 -12.09 -13.58 13.14
CA SER A 355 -13.25 -13.39 14.02
C SER A 355 -12.93 -13.73 15.47
N ALA A 356 -12.13 -14.78 15.72
CA ALA A 356 -11.78 -15.16 17.08
C ALA A 356 -11.00 -14.04 17.78
N ALA A 357 -10.11 -13.36 17.06
CA ALA A 357 -9.39 -12.24 17.66
C ALA A 357 -10.31 -11.06 17.93
N GLU A 358 -11.30 -10.84 17.05
CA GLU A 358 -12.27 -9.78 17.30
C GLU A 358 -13.05 -10.04 18.58
N ARG A 359 -13.51 -11.29 18.76
CA ARG A 359 -14.29 -11.61 19.96
C ARG A 359 -13.45 -11.40 21.23
N VAL A 360 -12.22 -11.88 21.22
CA VAL A 360 -11.38 -11.76 22.41
C VAL A 360 -11.06 -10.30 22.70
N ASN A 361 -10.64 -9.55 21.68
CA ASN A 361 -10.41 -8.11 21.82
C ASN A 361 -11.63 -7.39 22.39
N ASP A 362 -12.81 -7.67 21.82
CA ASP A 362 -14.02 -6.99 22.27
C ASP A 362 -14.27 -7.24 23.74
N TYR A 363 -14.14 -8.50 24.16
CA TYR A 363 -14.34 -8.86 25.55
C TYR A 363 -13.36 -8.12 26.46
N LEU A 364 -12.06 -8.18 26.12
CA LEU A 364 -11.05 -7.60 26.99
C LEU A 364 -11.21 -6.08 27.07
N LEU A 365 -11.55 -5.44 25.95
CA LEU A 365 -11.63 -3.98 25.96
C LEU A 365 -12.88 -3.47 26.68
N GLU A 366 -13.98 -4.23 26.65
CA GLU A 366 -15.21 -3.79 27.31
C GLU A 366 -15.32 -4.22 28.76
N ASN A 367 -14.51 -5.19 29.19
CA ASN A 367 -14.65 -5.77 30.52
C ASN A 367 -13.37 -5.67 31.32
N ASP A 368 -12.64 -4.55 31.14
CA ASP A 368 -11.47 -4.24 31.94
C ASP A 368 -10.43 -5.37 31.89
N GLY A 369 -10.21 -5.92 30.69
CA GLY A 369 -9.35 -7.09 30.59
C GLY A 369 -7.92 -6.80 30.16
N LEU A 370 -7.60 -5.55 29.84
CA LEU A 370 -6.25 -5.12 29.56
C LEU A 370 -5.87 -3.97 30.47
N ASN A 371 -4.69 -4.05 31.06
CA ASN A 371 -4.21 -3.00 31.93
C ASN A 371 -3.81 -1.75 31.14
N ALA A 372 -3.75 -0.63 31.87
CA ALA A 372 -3.29 0.63 31.29
C ALA A 372 -1.94 0.43 30.59
N ASN A 373 -1.73 1.22 29.52
CA ASN A 373 -0.55 1.08 28.67
C ASN A 373 -0.41 -0.34 28.11
N GLY A 374 -1.54 -1.03 27.95
CA GLY A 374 -1.55 -2.39 27.43
C GLY A 374 -1.27 -2.43 25.93
N ARG A 375 -1.17 -3.66 25.40
CA ARG A 375 -0.74 -3.87 24.02
C ARG A 375 -1.51 -5.01 23.37
N ILE A 376 -2.05 -4.77 22.18
CA ILE A 376 -2.58 -5.81 21.32
C ILE A 376 -1.68 -5.89 20.09
N VAL A 377 -1.15 -7.07 19.81
CA VAL A 377 -0.33 -7.27 18.62
C VAL A 377 -0.93 -8.41 17.81
N CYS A 378 -1.32 -8.10 16.57
CA CYS A 378 -1.90 -9.06 15.65
C CYS A 378 -0.85 -9.51 14.64
N VAL A 379 -1.15 -10.60 13.94
CA VAL A 379 -0.27 -11.14 12.92
C VAL A 379 -1.06 -11.20 11.63
N SER A 380 -0.74 -10.30 10.68
CA SER A 380 -1.28 -10.35 9.33
C SER A 380 -0.39 -11.24 8.48
N SER A 381 -0.18 -10.87 7.23
CA SER A 381 0.66 -11.65 6.33
C SER A 381 0.84 -10.85 5.05
N ILE A 382 1.94 -11.12 4.33
CA ILE A 382 2.10 -10.50 3.03
C ILE A 382 0.91 -10.83 2.14
N SER A 383 0.38 -12.05 2.27
CA SER A 383 -0.74 -12.39 1.40
C SER A 383 -2.00 -11.58 1.73
N GLY A 384 -2.13 -11.11 2.97
CA GLY A 384 -3.21 -10.19 3.27
C GLY A 384 -3.06 -8.87 2.54
N ILE A 385 -1.81 -8.47 2.25
CA ILE A 385 -1.53 -7.22 1.56
C ILE A 385 -1.59 -7.39 0.04
N ALA A 386 -1.04 -8.50 -0.46
CA ALA A 386 -0.79 -8.67 -1.88
C ALA A 386 -1.71 -9.68 -2.56
N GLY A 387 -2.43 -10.51 -1.80
CA GLY A 387 -3.18 -11.60 -2.40
C GLY A 387 -2.28 -12.75 -2.81
N ASN A 388 -2.90 -13.90 -3.03
CA ASN A 388 -2.16 -15.08 -3.47
C ASN A 388 -3.12 -16.12 -4.02
N LEU A 389 -2.74 -16.76 -5.14
CA LEU A 389 -3.50 -17.88 -5.65
C LEU A 389 -3.71 -18.93 -4.56
N GLY A 390 -4.92 -19.46 -4.49
CA GLY A 390 -5.25 -20.47 -3.50
C GLY A 390 -5.51 -19.95 -2.12
N GLN A 391 -5.52 -18.64 -1.94
CA GLN A 391 -5.61 -18.02 -0.62
C GLN A 391 -6.70 -16.96 -0.59
N THR A 392 -7.81 -17.18 -1.32
CA THR A 392 -8.88 -16.19 -1.23
C THR A 392 -9.41 -16.09 0.19
N ASN A 393 -9.40 -17.21 0.93
CA ASN A 393 -9.90 -17.21 2.30
C ASN A 393 -8.88 -16.63 3.27
N TYR A 394 -7.62 -17.07 3.12
CA TYR A 394 -6.55 -16.61 3.99
C TYR A 394 -6.28 -15.12 3.79
N ALA A 395 -6.16 -14.68 2.53
CA ALA A 395 -5.90 -13.26 2.30
C ALA A 395 -7.04 -12.39 2.78
N ALA A 396 -8.28 -12.83 2.55
CA ALA A 396 -9.39 -12.08 3.11
C ALA A 396 -9.26 -11.93 4.63
N SER A 397 -8.92 -13.02 5.34
CA SER A 397 -8.79 -12.95 6.79
C SER A 397 -7.66 -12.02 7.22
N LYS A 398 -6.52 -12.10 6.55
CA LYS A 398 -5.36 -11.32 6.94
C LYS A 398 -5.49 -9.85 6.54
N ALA A 399 -6.24 -9.57 5.47
CA ALA A 399 -6.60 -8.17 5.19
C ALA A 399 -7.56 -7.67 6.26
N GLY A 400 -8.49 -8.53 6.70
CA GLY A 400 -9.34 -8.16 7.82
C GLY A 400 -8.55 -7.78 9.06
N VAL A 401 -7.46 -8.52 9.34
CA VAL A 401 -6.60 -8.20 10.47
C VAL A 401 -6.01 -6.79 10.31
N ILE A 402 -5.59 -6.43 9.10
CA ILE A 402 -5.13 -5.06 8.90
C ILE A 402 -6.23 -4.06 9.25
N GLY A 403 -7.47 -4.35 8.84
CA GLY A 403 -8.58 -3.48 9.20
C GLY A 403 -8.86 -3.48 10.70
N LEU A 404 -8.71 -4.66 11.34
CA LEU A 404 -8.88 -4.73 12.79
C LEU A 404 -7.93 -3.76 13.50
N VAL A 405 -6.69 -3.72 13.06
CA VAL A 405 -5.69 -2.78 13.61
C VAL A 405 -6.08 -1.34 13.30
N LYS A 406 -6.37 -1.05 12.03
CA LYS A 406 -6.57 0.33 11.61
C LYS A 406 -7.79 0.96 12.28
N PHE A 407 -8.88 0.22 12.41
CA PHE A 407 -10.10 0.81 12.92
C PHE A 407 -10.29 0.60 14.41
N THR A 408 -9.47 -0.24 15.05
CA THR A 408 -9.48 -0.32 16.51
C THR A 408 -8.57 0.75 17.13
N ALA A 409 -7.46 1.06 16.48
CA ALA A 409 -6.49 1.97 17.09
C ALA A 409 -7.07 3.33 17.48
N PRO A 410 -7.96 3.96 16.70
CA PRO A 410 -8.53 5.26 17.14
C PRO A 410 -9.39 5.18 18.38
N ILE A 411 -10.05 4.04 18.65
CA ILE A 411 -11.01 3.97 19.75
C ILE A 411 -10.40 3.46 21.04
N LEU A 412 -9.11 3.15 21.06
CA LEU A 412 -8.50 2.59 22.25
C LEU A 412 -8.34 3.66 23.32
N LYS A 413 -8.44 3.23 24.58
CA LYS A 413 -8.34 4.09 25.74
C LYS A 413 -7.19 3.64 26.63
N ASN A 414 -6.88 4.45 27.64
CA ASN A 414 -6.00 4.02 28.73
C ASN A 414 -4.58 3.69 28.25
N GLY A 415 -4.11 4.36 27.19
CA GLY A 415 -2.79 4.10 26.66
C GLY A 415 -2.60 2.77 25.96
N ILE A 416 -3.67 2.01 25.74
CA ILE A 416 -3.53 0.75 25.02
C ILE A 416 -3.27 1.04 23.55
N THR A 417 -2.42 0.23 22.93
CA THR A 417 -2.16 0.35 21.51
C THR A 417 -2.48 -0.97 20.82
N ILE A 418 -2.68 -0.90 19.50
CA ILE A 418 -2.82 -2.10 18.68
C ILE A 418 -1.97 -1.92 17.42
N ASN A 419 -1.25 -2.98 17.05
CA ASN A 419 -0.39 -2.99 15.87
C ASN A 419 -0.39 -4.40 15.32
N ALA A 420 0.15 -4.56 14.11
CA ALA A 420 0.31 -5.91 13.57
C ALA A 420 1.67 -6.01 12.88
N VAL A 421 2.26 -7.23 12.93
CA VAL A 421 3.35 -7.64 12.04
C VAL A 421 2.70 -8.37 10.85
N ALA A 422 3.37 -8.33 9.70
CA ALA A 422 2.86 -9.00 8.50
C ALA A 422 4.06 -9.75 7.94
N PRO A 423 4.31 -10.97 8.41
CA PRO A 423 5.49 -11.69 7.96
C PRO A 423 5.45 -12.05 6.48
N GLY A 424 6.63 -12.02 5.86
CA GLY A 424 6.86 -12.62 4.55
C GLY A 424 7.24 -14.07 4.72
N PHE A 425 8.33 -14.50 4.08
CA PHE A 425 8.72 -15.91 4.08
C PHE A 425 9.59 -16.18 5.31
N ILE A 426 9.04 -16.95 6.27
CA ILE A 426 9.73 -17.30 7.53
C ILE A 426 10.03 -18.79 7.53
N GLU A 427 11.29 -19.15 7.77
CA GLU A 427 11.69 -20.55 7.84
C GLU A 427 11.15 -21.19 9.12
N THR A 428 10.37 -22.27 8.97
CA THR A 428 9.90 -23.03 10.12
C THR A 428 10.22 -24.50 9.90
N GLN A 429 10.03 -25.31 10.95
CA GLN A 429 10.24 -26.74 10.82
C GLN A 429 9.20 -27.40 9.92
N MET A 430 8.09 -26.72 9.64
CA MET A 430 7.06 -27.19 8.73
C MET A 430 7.16 -26.56 7.35
N THR A 431 8.23 -25.79 7.07
CA THR A 431 8.31 -25.10 5.80
C THR A 431 8.52 -26.06 4.63
N ALA A 432 9.18 -27.20 4.85
CA ALA A 432 9.37 -28.15 3.76
C ALA A 432 8.07 -28.78 3.28
N ALA A 433 6.93 -28.47 3.90
CA ALA A 433 5.64 -28.96 3.45
C ALA A 433 4.99 -28.06 2.40
N ILE A 434 5.57 -26.88 2.13
CA ILE A 434 5.14 -25.96 1.08
C ILE A 434 5.58 -26.49 -0.28
N PRO A 435 4.73 -26.47 -1.30
CA PRO A 435 5.17 -26.89 -2.65
C PRO A 435 6.42 -26.12 -3.08
N PHE A 436 7.33 -26.84 -3.76
CA PHE A 436 8.68 -26.33 -3.97
C PHE A 436 8.69 -25.01 -4.73
N ALA A 437 7.72 -24.79 -5.62
CA ALA A 437 7.72 -23.60 -6.46
C ALA A 437 7.56 -22.34 -5.61
N ILE A 438 6.47 -22.28 -4.84
CA ILE A 438 6.24 -21.15 -3.97
C ILE A 438 7.38 -21.02 -2.97
N ARG A 439 7.82 -22.17 -2.43
CA ARG A 439 8.81 -22.19 -1.37
C ARG A 439 10.09 -21.48 -1.77
N GLU A 440 10.66 -21.86 -2.91
CA GLU A 440 11.94 -21.27 -3.30
C GLU A 440 11.76 -19.84 -3.76
N ALA A 441 10.62 -19.51 -4.39
CA ALA A 441 10.34 -18.12 -4.74
C ALA A 441 10.27 -17.24 -3.50
N GLY A 442 9.48 -17.66 -2.50
CA GLY A 442 9.40 -16.90 -1.26
C GLY A 442 10.75 -16.73 -0.60
N ARG A 443 11.61 -17.75 -0.69
CA ARG A 443 12.93 -17.68 -0.07
C ARG A 443 13.81 -16.62 -0.74
N ARG A 444 13.70 -16.46 -2.05
CA ARG A 444 14.66 -15.66 -2.80
C ARG A 444 14.17 -14.27 -3.16
N MET A 445 12.86 -14.06 -3.30
CA MET A 445 12.35 -12.79 -3.85
C MET A 445 12.23 -11.71 -2.79
N ASN A 446 13.35 -11.40 -2.13
CA ASN A 446 13.41 -10.29 -1.20
C ASN A 446 14.82 -9.71 -1.23
N SER A 447 15.01 -8.56 -0.60
CA SER A 447 16.29 -7.88 -0.66
C SER A 447 17.39 -8.61 0.10
N MET A 448 17.02 -9.45 1.05
CA MET A 448 17.99 -10.25 1.79
C MET A 448 18.36 -11.55 1.08
N GLN A 449 17.65 -11.90 0.01
CA GLN A 449 17.86 -13.12 -0.75
C GLN A 449 17.82 -14.36 0.14
N GLN A 450 16.94 -14.34 1.15
CA GLN A 450 16.87 -15.47 2.08
C GLN A 450 15.56 -15.37 2.86
N GLY A 451 15.14 -16.50 3.40
CA GLY A 451 14.01 -16.50 4.31
C GLY A 451 14.38 -15.92 5.66
N GLY A 452 13.36 -15.39 6.37
CA GLY A 452 13.55 -14.91 7.72
C GLY A 452 13.44 -16.03 8.75
N LEU A 453 13.67 -15.66 10.01
CA LEU A 453 13.61 -16.63 11.10
C LEU A 453 12.46 -16.27 12.03
N PRO A 454 11.90 -17.26 12.74
CA PRO A 454 10.86 -16.95 13.74
C PRO A 454 11.24 -15.82 14.68
N VAL A 455 12.52 -15.76 15.09
CA VAL A 455 12.93 -14.72 16.01
C VAL A 455 12.78 -13.33 15.39
N ASP A 456 12.87 -13.22 14.05
CA ASP A 456 12.72 -11.90 13.44
C ASP A 456 11.31 -11.35 13.64
N VAL A 457 10.29 -12.21 13.50
CA VAL A 457 8.91 -11.79 13.77
C VAL A 457 8.74 -11.48 15.25
N ALA A 458 9.26 -12.35 16.12
CA ALA A 458 9.15 -12.18 17.56
C ALA A 458 9.73 -10.85 18.03
N GLU A 459 10.91 -10.48 17.50
CA GLU A 459 11.51 -9.21 17.90
C GLU A 459 10.63 -8.03 17.53
N THR A 460 10.04 -8.07 16.33
CA THR A 460 9.20 -6.96 15.90
C THR A 460 7.96 -6.83 16.77
N ILE A 461 7.32 -7.97 17.08
CA ILE A 461 6.23 -8.02 18.04
C ILE A 461 6.67 -7.47 19.39
N ALA A 462 7.85 -7.86 19.86
CA ALA A 462 8.35 -7.37 21.15
C ALA A 462 8.59 -5.86 21.14
N TRP A 463 9.00 -5.30 20.00
CA TRP A 463 9.13 -3.86 19.91
C TRP A 463 7.77 -3.17 20.04
N PHE A 464 6.74 -3.72 19.39
CA PHE A 464 5.39 -3.20 19.59
C PHE A 464 4.98 -3.27 21.06
N ALA A 465 5.29 -4.40 21.70
CA ALA A 465 4.85 -4.65 23.08
C ALA A 465 5.59 -3.80 24.10
N SER A 466 6.69 -3.18 23.70
CA SER A 466 7.57 -2.51 24.67
C SER A 466 6.80 -1.49 25.50
N THR A 467 7.14 -1.43 26.79
CA THR A 467 6.51 -0.45 27.67
C THR A 467 6.74 0.97 27.15
N ALA A 468 7.83 1.18 26.43
CA ALA A 468 8.17 2.49 25.90
C ALA A 468 7.50 2.81 24.57
N SER A 469 6.89 1.84 23.90
CA SER A 469 6.27 2.10 22.59
C SER A 469 4.87 2.67 22.72
N THR A 470 4.71 3.67 23.60
CA THR A 470 3.41 4.30 23.81
C THR A 470 2.88 4.99 22.56
N GLY A 471 3.77 5.52 21.72
CA GLY A 471 3.36 6.26 20.55
C GLY A 471 3.48 5.47 19.26
N VAL A 472 3.42 4.15 19.35
CA VAL A 472 3.37 3.26 18.19
C VAL A 472 2.00 2.61 18.21
N ASN A 473 1.10 3.10 17.35
CA ASN A 473 -0.29 2.68 17.36
C ASN A 473 -0.85 2.67 15.94
N GLY A 474 -1.62 1.64 15.62
CA GLY A 474 -2.22 1.52 14.31
C GLY A 474 -1.26 1.14 13.19
N ASN A 475 -0.04 0.70 13.50
CA ASN A 475 0.92 0.32 12.47
C ASN A 475 0.75 -1.13 12.05
N VAL A 476 1.02 -1.39 10.78
CA VAL A 476 1.18 -2.76 10.26
C VAL A 476 2.57 -2.79 9.64
N VAL A 477 3.48 -3.55 10.25
CA VAL A 477 4.87 -3.54 9.82
C VAL A 477 5.21 -4.92 9.25
N ARG A 478 5.59 -4.94 7.97
CA ARG A 478 5.99 -6.18 7.35
C ARG A 478 7.33 -6.66 7.91
N VAL A 479 7.43 -7.97 8.10
CA VAL A 479 8.67 -8.61 8.51
C VAL A 479 9.02 -9.57 7.39
N CYS A 480 9.65 -9.04 6.35
CA CYS A 480 9.70 -9.76 5.09
C CYS A 480 11.04 -9.64 4.37
N GLY A 481 12.04 -9.00 4.98
CA GLY A 481 13.32 -8.80 4.32
C GLY A 481 13.19 -7.97 3.06
N GLN A 482 12.17 -7.12 2.99
CA GLN A 482 11.72 -6.41 1.79
C GLN A 482 11.45 -7.40 0.65
N SER A 483 10.41 -8.21 0.85
CA SER A 483 9.89 -9.03 -0.23
C SER A 483 9.43 -8.14 -1.37
N LEU A 484 9.64 -8.61 -2.60
CA LEU A 484 9.18 -7.90 -3.78
C LEU A 484 7.66 -7.79 -3.82
N LEU A 485 6.95 -8.74 -3.21
CA LEU A 485 5.49 -8.74 -3.23
C LEU A 485 4.89 -7.54 -2.50
N GLY A 486 3.80 -7.02 -3.03
CA GLY A 486 3.05 -6.02 -2.29
C GLY A 486 1.82 -5.57 -3.04
N ALA A 487 1.23 -4.50 -2.52
CA ALA A 487 0.08 -3.81 -3.10
C ALA A 487 0.50 -2.49 -3.79
N LEU B 47 6.51 -23.06 -18.88
CA LEU B 47 5.78 -21.79 -18.83
C LEU B 47 4.76 -21.70 -19.97
N PRO B 48 3.57 -21.20 -19.67
CA PRO B 48 2.57 -20.97 -20.72
C PRO B 48 2.80 -19.62 -21.38
N SER B 49 2.08 -19.42 -22.50
CA SER B 49 1.96 -18.19 -23.26
C SER B 49 0.70 -17.43 -22.84
N PRO B 50 0.73 -16.10 -22.89
CA PRO B 50 -0.40 -15.32 -22.39
C PRO B 50 -1.59 -15.41 -23.33
N VAL B 51 -2.77 -15.12 -22.77
CA VAL B 51 -3.95 -14.95 -23.59
C VAL B 51 -3.98 -13.53 -24.15
N VAL B 52 -4.72 -13.35 -25.23
CA VAL B 52 -4.95 -12.02 -25.79
C VAL B 52 -6.05 -11.33 -24.99
N LEU B 53 -5.78 -10.10 -24.56
CA LEU B 53 -6.73 -9.31 -23.80
C LEU B 53 -7.63 -8.55 -24.76
N GLU B 54 -8.93 -8.62 -24.52
CA GLU B 54 -9.87 -7.82 -25.29
C GLU B 54 -9.68 -6.35 -24.95
N ARG B 55 -9.60 -5.49 -25.98
CA ARG B 55 -9.51 -4.06 -25.72
C ARG B 55 -10.64 -3.34 -26.46
N PHE B 56 -10.69 -2.03 -26.27
CA PHE B 56 -11.79 -1.22 -26.79
C PHE B 56 -11.83 -1.28 -28.31
N GLU B 57 -13.01 -1.58 -28.85
CA GLU B 57 -13.27 -1.53 -30.28
C GLU B 57 -14.26 -0.45 -30.68
N SER B 58 -15.34 -0.27 -29.93
CA SER B 58 -16.30 0.80 -30.20
C SER B 58 -17.08 1.07 -28.92
N ALA B 59 -17.80 2.21 -28.91
CA ALA B 59 -18.48 2.67 -27.69
C ALA B 59 -19.55 1.69 -27.22
N GLN B 60 -20.17 0.94 -28.12
CA GLN B 60 -21.12 -0.09 -27.74
C GLN B 60 -20.76 -1.39 -28.45
N PRO B 61 -21.05 -2.55 -27.82
CA PRO B 61 -21.63 -2.63 -26.47
C PRO B 61 -20.58 -2.29 -25.39
N VAL B 62 -21.01 -1.81 -24.21
CA VAL B 62 -20.06 -1.65 -23.11
C VAL B 62 -19.50 -2.99 -22.69
N VAL B 63 -20.39 -3.97 -22.51
CA VAL B 63 -20.02 -5.34 -22.15
C VAL B 63 -20.53 -6.26 -23.24
N LYS B 64 -19.62 -7.03 -23.84
CA LYS B 64 -19.97 -8.05 -24.82
C LYS B 64 -20.16 -9.37 -24.07
N GLY B 65 -21.40 -9.80 -23.89
CA GLY B 65 -21.69 -11.01 -23.15
C GLY B 65 -22.65 -10.72 -22.02
N ALA B 66 -22.81 -11.70 -21.13
CA ALA B 66 -23.77 -11.59 -20.04
C ALA B 66 -23.08 -11.16 -18.75
N VAL B 67 -23.87 -10.52 -17.87
CA VAL B 67 -23.39 -10.09 -16.55
C VAL B 67 -24.20 -10.82 -15.49
N LEU B 68 -23.51 -11.41 -14.52
CA LEU B 68 -24.15 -11.99 -13.36
C LEU B 68 -23.99 -11.00 -12.21
N VAL B 69 -25.09 -10.67 -11.54
CA VAL B 69 -25.08 -9.75 -10.42
C VAL B 69 -25.46 -10.50 -9.16
N GLY B 70 -24.84 -10.13 -8.06
CA GLY B 70 -25.21 -10.65 -6.76
C GLY B 70 -25.08 -9.56 -5.72
N ALA B 71 -25.62 -9.83 -4.55
CA ALA B 71 -25.51 -8.88 -3.46
C ALA B 71 -25.66 -9.62 -2.15
N ALA B 72 -24.95 -9.13 -1.14
CA ALA B 72 -25.12 -9.62 0.22
C ALA B 72 -26.44 -9.11 0.80
N PRO B 73 -27.02 -9.83 1.76
CA PRO B 73 -28.22 -9.31 2.43
C PRO B 73 -27.96 -7.93 3.02
N SER B 74 -28.97 -7.07 2.93
CA SER B 74 -28.96 -5.70 3.46
C SER B 74 -27.99 -4.78 2.72
N SER B 75 -27.65 -5.09 1.48
CA SER B 75 -26.77 -4.19 0.74
C SER B 75 -27.52 -2.93 0.33
N VAL B 76 -26.74 -1.85 0.07
CA VAL B 76 -27.29 -0.54 -0.21
C VAL B 76 -26.83 0.04 -1.54
N LEU B 77 -26.05 -0.69 -2.33
CA LEU B 77 -25.60 -0.19 -3.63
C LEU B 77 -26.25 -0.90 -4.80
N SER B 78 -27.21 -1.79 -4.57
CA SER B 78 -27.73 -2.60 -5.67
C SER B 78 -28.58 -1.78 -6.62
N GLY B 79 -29.33 -0.81 -6.10
CA GLY B 79 -30.08 0.09 -6.98
C GLY B 79 -29.19 0.81 -7.98
N ALA B 80 -28.10 1.41 -7.48
CA ALA B 80 -27.21 2.16 -8.36
C ALA B 80 -26.56 1.24 -9.39
N ILE B 81 -26.12 0.06 -8.96
CA ILE B 81 -25.52 -0.89 -9.89
C ILE B 81 -26.53 -1.28 -10.96
N ALA B 82 -27.75 -1.60 -10.54
CA ALA B 82 -28.76 -2.04 -11.49
C ALA B 82 -29.09 -0.94 -12.49
N GLN B 83 -29.10 0.32 -12.04
CA GLN B 83 -29.33 1.42 -12.98
C GLN B 83 -28.24 1.47 -14.05
N VAL B 84 -26.98 1.22 -13.67
CA VAL B 84 -25.91 1.23 -14.66
C VAL B 84 -26.10 0.11 -15.67
N LEU B 85 -26.39 -1.09 -15.17
CA LEU B 85 -26.58 -2.23 -16.06
C LEU B 85 -27.73 -2.00 -17.02
N SER B 86 -28.79 -1.35 -16.53
CA SER B 86 -29.87 -0.90 -17.39
C SER B 86 -29.35 0.03 -18.47
N ASN B 87 -28.59 1.07 -18.07
CA ASN B 87 -28.14 2.08 -19.03
C ASN B 87 -27.34 1.50 -20.18
N ILE B 88 -26.54 0.46 -19.92
CA ILE B 88 -25.66 -0.11 -20.92
C ILE B 88 -26.30 -1.25 -21.68
N HIS B 89 -27.58 -1.54 -21.42
CA HIS B 89 -28.37 -2.48 -22.22
C HIS B 89 -27.68 -3.84 -22.29
N THR B 90 -27.31 -4.35 -21.13
CA THR B 90 -26.60 -5.62 -21.12
C THR B 90 -27.50 -6.72 -20.55
N ASP B 91 -27.33 -7.91 -21.12
CA ASP B 91 -27.90 -9.16 -20.63
C ASP B 91 -27.49 -9.38 -19.18
N SER B 92 -28.40 -9.18 -18.23
CA SER B 92 -28.06 -9.26 -16.82
C SER B 92 -28.84 -10.37 -16.14
N TYR B 93 -28.14 -11.19 -15.36
CA TYR B 93 -28.68 -12.35 -14.67
C TYR B 93 -28.50 -12.22 -13.17
N VAL B 94 -29.24 -13.06 -12.44
CA VAL B 94 -29.28 -13.02 -10.99
C VAL B 94 -29.61 -14.41 -10.47
N GLY B 95 -29.10 -14.72 -9.29
CA GLY B 95 -29.47 -15.92 -8.58
C GLY B 95 -30.72 -15.70 -7.74
N ASN B 96 -30.90 -16.59 -6.77
CA ASN B 96 -32.07 -16.56 -5.89
C ASN B 96 -31.86 -15.48 -4.82
N ASN B 97 -32.05 -14.24 -5.22
CA ASN B 97 -31.94 -13.08 -4.34
C ASN B 97 -33.16 -12.20 -4.64
N VAL B 98 -34.22 -12.39 -3.86
CA VAL B 98 -35.46 -11.66 -4.12
C VAL B 98 -35.26 -10.17 -3.95
N ALA B 99 -34.56 -9.77 -2.87
CA ALA B 99 -34.36 -8.34 -2.63
C ALA B 99 -33.60 -7.69 -3.78
N LEU B 100 -32.59 -8.38 -4.31
CA LEU B 100 -31.84 -7.83 -5.45
C LEU B 100 -32.72 -7.72 -6.68
N GLN B 101 -33.52 -8.75 -6.98
CA GLN B 101 -34.41 -8.68 -8.13
C GLN B 101 -35.40 -7.54 -8.01
N GLN B 102 -35.89 -7.27 -6.81
CA GLN B 102 -36.88 -6.21 -6.63
C GLN B 102 -36.24 -4.84 -6.72
N GLU B 103 -35.04 -4.66 -6.16
CA GLU B 103 -34.37 -3.38 -6.31
C GLU B 103 -34.04 -3.09 -7.77
N ALA B 104 -33.67 -4.13 -8.53
CA ALA B 104 -33.38 -3.95 -9.95
C ALA B 104 -34.65 -3.66 -10.74
N ALA B 105 -35.76 -4.29 -10.37
CA ALA B 105 -37.02 -4.01 -11.05
C ALA B 105 -37.45 -2.56 -10.83
N LYS B 106 -37.09 -1.98 -9.67
CA LYS B 106 -37.44 -0.59 -9.40
C LYS B 106 -36.82 0.38 -10.39
N VAL B 107 -35.62 0.07 -10.89
CA VAL B 107 -34.89 0.96 -11.79
C VAL B 107 -35.00 0.49 -13.25
N GLY B 108 -35.95 -0.38 -13.55
CA GLY B 108 -36.23 -0.77 -14.92
C GLY B 108 -35.35 -1.85 -15.49
N LEU B 109 -34.53 -2.49 -14.67
CA LEU B 109 -33.63 -3.54 -15.14
C LEU B 109 -34.27 -4.90 -14.86
N ASN B 110 -34.44 -5.69 -15.92
CA ASN B 110 -35.01 -7.03 -15.77
C ASN B 110 -33.87 -8.04 -15.61
N LEU B 111 -33.67 -8.52 -14.39
CA LEU B 111 -32.68 -9.55 -14.13
C LEU B 111 -33.29 -10.91 -14.40
N ARG B 112 -32.67 -11.68 -15.33
CA ARG B 112 -33.11 -13.03 -15.61
C ARG B 112 -32.52 -14.00 -14.59
N PRO B 113 -33.31 -14.97 -14.10
CA PRO B 113 -32.77 -15.94 -13.15
C PRO B 113 -31.70 -16.81 -13.79
N PHE B 114 -30.61 -16.99 -13.08
CA PHE B 114 -29.52 -17.84 -13.52
C PHE B 114 -29.62 -19.16 -12.75
N ASN B 115 -29.90 -20.24 -13.47
CA ASN B 115 -30.03 -21.56 -12.86
C ASN B 115 -28.75 -21.93 -12.11
N ALA B 116 -28.89 -22.12 -10.79
CA ALA B 116 -27.73 -22.43 -9.96
C ALA B 116 -27.14 -23.82 -10.25
N GLY B 117 -27.82 -24.66 -11.03
CA GLY B 117 -27.24 -25.90 -11.48
C GLY B 117 -26.46 -25.81 -12.78
N ASP B 118 -26.45 -24.63 -13.39
CA ASP B 118 -25.81 -24.41 -14.70
C ASP B 118 -24.34 -24.08 -14.47
N LYS B 119 -23.47 -25.06 -14.73
CA LYS B 119 -22.04 -24.86 -14.62
C LYS B 119 -21.39 -24.55 -15.97
N GLU B 120 -22.20 -24.33 -17.02
CA GLU B 120 -21.67 -24.17 -18.36
C GLU B 120 -21.78 -22.77 -18.92
N SER B 121 -22.83 -22.02 -18.55
CA SER B 121 -22.98 -20.65 -19.02
C SER B 121 -21.79 -19.80 -18.58
N LYS B 122 -21.33 -18.91 -19.47
CA LYS B 122 -20.20 -18.05 -19.16
C LYS B 122 -20.67 -16.60 -19.05
N PHE B 123 -20.05 -15.88 -18.13
CA PHE B 123 -20.40 -14.49 -17.88
C PHE B 123 -19.17 -13.64 -18.14
N LYS B 124 -19.34 -12.61 -18.97
CA LYS B 124 -18.25 -11.68 -19.22
C LYS B 124 -17.87 -10.93 -17.95
N ALA B 125 -18.84 -10.69 -17.07
CA ALA B 125 -18.58 -9.96 -15.84
C ALA B 125 -19.43 -10.53 -14.73
N VAL B 126 -18.86 -10.60 -13.53
CA VAL B 126 -19.61 -10.92 -12.32
C VAL B 126 -19.45 -9.75 -11.36
N VAL B 127 -20.57 -9.22 -10.90
CA VAL B 127 -20.59 -7.99 -10.10
C VAL B 127 -21.27 -8.32 -8.78
N PHE B 128 -20.58 -8.09 -7.66
CA PHE B 128 -21.13 -8.43 -6.36
C PHE B 128 -21.16 -7.20 -5.47
N ASP B 129 -22.35 -6.85 -4.97
CA ASP B 129 -22.53 -5.77 -4.01
C ASP B 129 -22.23 -6.34 -2.62
N ALA B 130 -21.05 -6.02 -2.09
CA ALA B 130 -20.65 -6.48 -0.77
C ALA B 130 -20.97 -5.47 0.32
N SER B 131 -21.67 -4.38 -0.01
CA SER B 131 -21.91 -3.35 1.01
C SER B 131 -22.74 -3.88 2.17
N GLY B 132 -23.55 -4.93 1.97
CA GLY B 132 -24.31 -5.50 3.07
C GLY B 132 -23.55 -6.39 4.03
N ILE B 133 -22.28 -6.70 3.75
CA ILE B 133 -21.47 -7.49 4.67
C ILE B 133 -21.16 -6.60 5.89
N GLN B 134 -21.76 -6.95 7.04
CA GLN B 134 -21.66 -6.15 8.24
C GLN B 134 -20.53 -6.55 9.18
N ASN B 135 -19.97 -7.75 9.04
CA ASN B 135 -18.92 -8.21 9.95
C ASN B 135 -18.15 -9.33 9.27
N SER B 136 -17.13 -9.85 9.98
CA SER B 136 -16.25 -10.83 9.36
C SER B 136 -16.98 -12.15 9.09
N GLU B 137 -17.90 -12.54 9.98
CA GLU B 137 -18.64 -13.77 9.75
C GLU B 137 -19.41 -13.75 8.43
N GLN B 138 -19.87 -12.58 8.01
CA GLN B 138 -20.64 -12.42 6.79
C GLN B 138 -19.75 -12.35 5.56
N LEU B 139 -18.41 -12.46 5.72
CA LEU B 139 -17.53 -12.54 4.56
C LEU B 139 -17.78 -13.79 3.74
N ASN B 140 -18.48 -14.79 4.30
CA ASN B 140 -18.80 -15.98 3.54
C ASN B 140 -19.84 -15.69 2.47
N GLU B 141 -20.46 -14.51 2.49
CA GLU B 141 -21.24 -14.10 1.33
C GLU B 141 -20.38 -14.06 0.08
N LEU B 142 -19.09 -13.75 0.21
CA LEU B 142 -18.20 -13.78 -0.95
C LEU B 142 -18.08 -15.20 -1.49
N TYR B 143 -17.96 -16.17 -0.59
CA TYR B 143 -17.88 -17.57 -1.00
C TYR B 143 -19.18 -17.99 -1.66
N LYS B 144 -20.31 -17.63 -1.06
CA LYS B 144 -21.61 -18.08 -1.56
C LYS B 144 -21.86 -17.62 -2.99
N PHE B 145 -21.39 -16.43 -3.35
CA PHE B 145 -21.61 -15.93 -4.70
C PHE B 145 -20.53 -16.42 -5.67
N PHE B 146 -19.26 -16.32 -5.28
CA PHE B 146 -18.20 -16.53 -6.26
C PHE B 146 -17.78 -17.99 -6.42
N ASN B 147 -17.85 -18.81 -5.36
CA ASN B 147 -17.45 -20.21 -5.52
C ASN B 147 -18.24 -20.95 -6.58
N PRO B 148 -19.59 -20.88 -6.62
CA PRO B 148 -20.32 -21.66 -7.65
C PRO B 148 -19.99 -21.25 -9.09
N ILE B 149 -19.53 -20.02 -9.33
CA ILE B 149 -19.28 -19.53 -10.68
C ILE B 149 -17.81 -19.26 -10.95
N ALA B 150 -16.91 -19.74 -10.10
CA ALA B 150 -15.49 -19.45 -10.21
C ALA B 150 -14.84 -19.94 -11.50
N ARG B 151 -15.49 -20.85 -12.23
CA ARG B 151 -14.96 -21.32 -13.50
C ARG B 151 -15.77 -20.81 -14.69
N GLN B 152 -16.69 -19.89 -14.45
CA GLN B 152 -17.63 -19.47 -15.47
C GLN B 152 -17.45 -18.01 -15.87
N VAL B 153 -16.36 -17.39 -15.46
CA VAL B 153 -16.03 -16.06 -15.97
C VAL B 153 -15.31 -16.22 -17.30
N ALA B 154 -15.78 -15.50 -18.31
CA ALA B 154 -15.24 -15.62 -19.65
C ALA B 154 -13.79 -15.13 -19.71
N THR B 155 -13.09 -15.56 -20.76
CA THR B 155 -11.78 -15.01 -21.05
C THR B 155 -11.88 -13.48 -21.17
N SER B 156 -10.83 -12.78 -20.72
CA SER B 156 -10.84 -11.32 -20.65
C SER B 156 -12.00 -10.77 -19.82
N GLY B 157 -12.45 -11.53 -18.82
CA GLY B 157 -13.63 -11.20 -18.06
C GLY B 157 -13.33 -10.26 -16.90
N ARG B 158 -14.36 -10.05 -16.08
CA ARG B 158 -14.31 -9.04 -15.03
C ARG B 158 -14.91 -9.60 -13.75
N VAL B 159 -14.16 -9.49 -12.65
CA VAL B 159 -14.69 -9.70 -11.31
C VAL B 159 -14.71 -8.34 -10.65
N ILE B 160 -15.90 -7.88 -10.25
CA ILE B 160 -16.03 -6.57 -9.65
C ILE B 160 -16.79 -6.72 -8.34
N VAL B 161 -16.13 -6.33 -7.24
CA VAL B 161 -16.75 -6.30 -5.91
C VAL B 161 -16.93 -4.85 -5.53
N ILE B 162 -18.13 -4.49 -5.10
CA ILE B 162 -18.46 -3.10 -4.76
C ILE B 162 -18.85 -3.08 -3.30
N GLY B 163 -18.15 -2.28 -2.51
CA GLY B 163 -18.42 -2.18 -1.09
C GLY B 163 -18.50 -0.76 -0.58
N THR B 164 -18.58 -0.63 0.75
CA THR B 164 -18.61 0.67 1.40
C THR B 164 -17.22 1.04 1.88
N THR B 165 -16.77 2.24 1.53
CA THR B 165 -15.45 2.71 1.93
C THR B 165 -15.24 2.49 3.43
N PRO B 166 -14.24 1.69 3.84
CA PRO B 166 -14.14 1.30 5.25
C PRO B 166 -14.12 2.50 6.19
N GLU B 167 -13.43 3.58 5.81
CA GLU B 167 -13.37 4.77 6.66
C GLU B 167 -14.73 5.44 6.81
N THR B 168 -15.71 5.14 5.94
CA THR B 168 -17.04 5.74 6.05
C THR B 168 -18.05 4.78 6.65
N ALA B 169 -17.68 3.53 6.92
CA ALA B 169 -18.59 2.56 7.50
C ALA B 169 -19.06 3.02 8.89
N LYS B 170 -20.32 2.74 9.20
CA LYS B 170 -20.90 3.26 10.44
C LYS B 170 -20.48 2.46 11.66
N THR B 171 -20.00 1.23 11.51
CA THR B 171 -19.53 0.43 12.62
C THR B 171 -18.11 -0.06 12.35
N VAL B 172 -17.35 -0.23 13.43
CA VAL B 172 -16.01 -0.77 13.31
C VAL B 172 -16.03 -2.16 12.68
N LYS B 173 -16.98 -3.01 13.11
CA LYS B 173 -17.07 -4.36 12.53
C LYS B 173 -17.31 -4.30 11.03
N GLN B 174 -18.14 -3.38 10.56
CA GLN B 174 -18.33 -3.31 9.12
C GLN B 174 -17.09 -2.79 8.43
N ALA B 175 -16.42 -1.79 9.01
CA ALA B 175 -15.18 -1.29 8.43
C ALA B 175 -14.16 -2.41 8.23
N ILE B 176 -14.02 -3.28 9.23
CA ILE B 176 -13.09 -4.40 9.14
C ILE B 176 -13.45 -5.33 8.00
N ALA B 177 -14.74 -5.69 7.91
CA ALA B 177 -15.18 -6.60 6.86
C ALA B 177 -14.98 -6.00 5.48
N GLN B 178 -15.32 -4.71 5.31
CA GLN B 178 -15.13 -4.07 4.01
C GLN B 178 -13.66 -3.98 3.65
N ARG B 179 -12.80 -3.71 4.64
CA ARG B 179 -11.37 -3.74 4.38
C ARG B 179 -10.91 -5.11 3.90
N ALA B 180 -11.51 -6.17 4.45
CA ALA B 180 -11.12 -7.53 4.05
C ALA B 180 -11.30 -7.81 2.55
N LEU B 181 -12.20 -7.08 1.88
CA LEU B 181 -12.51 -7.38 0.47
C LEU B 181 -11.29 -7.21 -0.42
N GLU B 182 -10.35 -6.34 -0.05
CA GLU B 182 -9.16 -6.17 -0.87
C GLU B 182 -8.29 -7.42 -0.90
N GLY B 183 -8.10 -8.07 0.25
CA GLY B 183 -7.41 -9.35 0.26
C GLY B 183 -8.07 -10.37 -0.65
N PHE B 184 -9.39 -10.47 -0.59
CA PHE B 184 -10.13 -11.39 -1.45
C PHE B 184 -9.91 -11.11 -2.93
N ILE B 185 -10.15 -9.86 -3.38
CA ILE B 185 -10.08 -9.62 -4.81
C ILE B 185 -8.66 -9.74 -5.32
N LYS B 186 -7.65 -9.38 -4.51
CA LYS B 186 -6.27 -9.54 -4.99
C LYS B 186 -5.95 -11.01 -5.19
N SER B 187 -6.50 -11.89 -4.36
CA SER B 187 -6.29 -13.32 -4.55
C SER B 187 -7.08 -13.84 -5.75
N VAL B 188 -8.29 -13.34 -5.97
CA VAL B 188 -9.02 -13.71 -7.18
C VAL B 188 -8.23 -13.30 -8.42
N GLY B 189 -7.65 -12.10 -8.41
CA GLY B 189 -6.93 -11.61 -9.58
C GLY B 189 -5.74 -12.49 -9.96
N LYS B 190 -5.14 -13.15 -8.98
CA LYS B 190 -4.02 -14.03 -9.21
C LYS B 190 -4.44 -15.45 -9.53
N GLU B 191 -5.71 -15.79 -9.29
CA GLU B 191 -6.17 -17.17 -9.33
C GLU B 191 -7.00 -17.49 -10.57
N PHE B 192 -7.82 -16.56 -11.06
CA PHE B 192 -8.79 -16.93 -12.09
C PHE B 192 -8.18 -17.10 -13.48
N LYS B 193 -7.02 -16.49 -13.74
CA LYS B 193 -6.32 -16.60 -15.03
C LYS B 193 -7.18 -16.10 -16.19
N LYS B 194 -6.90 -16.60 -17.39
CA LYS B 194 -7.72 -16.33 -18.59
C LYS B 194 -7.83 -14.84 -18.89
N GLY B 195 -6.89 -14.02 -18.41
CA GLY B 195 -6.98 -12.59 -18.69
C GLY B 195 -8.05 -11.85 -17.91
N ILE B 196 -8.63 -12.50 -16.91
CA ILE B 196 -9.67 -11.90 -16.09
C ILE B 196 -9.05 -10.91 -15.12
N THR B 197 -9.70 -9.75 -14.95
CA THR B 197 -9.28 -8.75 -13.98
C THR B 197 -10.19 -8.79 -12.77
N ALA B 198 -9.68 -8.29 -11.64
CA ALA B 198 -10.46 -8.27 -10.41
C ALA B 198 -10.26 -6.95 -9.68
N GLN B 199 -11.36 -6.29 -9.31
CA GLN B 199 -11.28 -4.99 -8.65
C GLN B 199 -12.22 -4.91 -7.45
N VAL B 200 -11.79 -4.11 -6.51
CA VAL B 200 -12.81 -3.61 -5.49
C VAL B 200 -13.02 -2.06 -5.59
N VAL B 201 -14.29 -1.74 -5.82
CA VAL B 201 -14.68 -0.33 -5.84
C VAL B 201 -15.32 -0.06 -4.50
N TYR B 202 -14.78 0.91 -3.75
CA TYR B 202 -15.38 1.38 -2.52
C TYR B 202 -16.17 2.65 -2.78
N VAL B 203 -17.42 2.68 -2.33
CA VAL B 203 -18.30 3.84 -2.48
C VAL B 203 -18.48 4.42 -1.08
N ASP B 204 -18.12 5.71 -0.92
CA ASP B 204 -18.39 6.37 0.35
C ASP B 204 -19.86 6.25 0.69
N GLU B 205 -20.17 6.00 1.95
CA GLU B 205 -21.57 5.99 2.35
C GLU B 205 -22.27 7.22 1.79
N GLY B 206 -23.33 6.99 1.01
CA GLY B 206 -24.08 8.07 0.42
C GLY B 206 -23.68 8.50 -0.98
N ALA B 207 -22.64 7.90 -1.55
CA ALA B 207 -22.17 8.33 -2.87
C ALA B 207 -22.58 7.38 -4.00
N ALA B 208 -23.65 6.60 -3.81
CA ALA B 208 -24.01 5.60 -4.82
C ALA B 208 -24.22 6.19 -6.20
N ALA B 209 -24.77 7.41 -6.29
CA ALA B 209 -25.05 8.01 -7.60
C ALA B 209 -23.80 8.38 -8.37
N ASN B 210 -22.62 8.26 -7.77
CA ASN B 210 -21.36 8.65 -8.41
C ASN B 210 -20.58 7.47 -8.96
N LEU B 211 -21.17 6.27 -8.91
CA LEU B 211 -20.47 5.04 -9.27
C LEU B 211 -20.36 4.81 -10.78
N GLU B 212 -21.18 5.49 -11.60
CA GLU B 212 -21.46 4.96 -12.93
C GLU B 212 -20.21 4.93 -13.82
N SER B 213 -19.41 6.01 -13.84
CA SER B 213 -18.30 6.03 -14.79
C SER B 213 -17.24 4.98 -14.46
N THR B 214 -17.05 4.73 -13.16
CA THR B 214 -16.09 3.71 -12.73
C THR B 214 -16.57 2.31 -13.08
N LEU B 215 -17.84 2.00 -12.81
CA LEU B 215 -18.36 0.68 -13.14
C LEU B 215 -18.36 0.44 -14.64
N ARG B 216 -18.67 1.46 -15.44
CA ARG B 216 -18.55 1.32 -16.89
C ARG B 216 -17.12 1.04 -17.32
N PHE B 217 -16.16 1.78 -16.77
CA PHE B 217 -14.77 1.55 -17.13
C PHE B 217 -14.36 0.11 -16.83
N LEU B 218 -14.75 -0.40 -15.66
CA LEU B 218 -14.31 -1.74 -15.24
C LEU B 218 -15.04 -2.82 -15.99
N LEU B 219 -16.34 -2.62 -16.27
CA LEU B 219 -17.07 -3.60 -17.06
C LEU B 219 -16.50 -3.73 -18.46
N SER B 220 -15.95 -2.64 -18.99
CA SER B 220 -15.58 -2.54 -20.40
C SER B 220 -14.19 -3.08 -20.67
N PRO B 221 -13.90 -3.40 -21.95
CA PRO B 221 -12.53 -3.75 -22.33
C PRO B 221 -11.51 -2.63 -22.12
N ARG B 222 -11.95 -1.37 -21.95
CA ARG B 222 -11.01 -0.27 -21.73
C ARG B 222 -10.04 -0.55 -20.56
N SER B 223 -10.50 -1.30 -19.54
CA SER B 223 -9.71 -1.58 -18.35
C SER B 223 -8.92 -2.89 -18.44
N ALA B 224 -8.51 -3.29 -19.65
CA ALA B 224 -7.89 -4.59 -19.87
C ALA B 224 -6.71 -4.87 -18.94
N TYR B 225 -5.91 -3.85 -18.64
CA TYR B 225 -4.67 -4.02 -17.91
C TYR B 225 -4.72 -3.44 -16.50
N VAL B 226 -5.91 -3.25 -15.96
CA VAL B 226 -6.09 -2.81 -14.58
C VAL B 226 -6.64 -4.01 -13.82
N SER B 227 -5.86 -4.51 -12.85
CA SER B 227 -6.35 -5.61 -12.05
C SER B 227 -5.72 -5.54 -10.67
N GLY B 228 -6.47 -6.02 -9.68
CA GLY B 228 -5.98 -6.07 -8.32
C GLY B 228 -6.13 -4.77 -7.55
N GLN B 229 -6.81 -3.78 -8.12
CA GLN B 229 -6.76 -2.42 -7.61
C GLN B 229 -8.00 -2.08 -6.78
N VAL B 230 -7.85 -1.00 -6.02
CA VAL B 230 -8.89 -0.46 -5.16
C VAL B 230 -9.19 0.94 -5.66
N ILE B 231 -10.47 1.22 -5.90
CA ILE B 231 -10.93 2.49 -6.46
C ILE B 231 -11.96 3.08 -5.50
N ARG B 232 -11.76 4.33 -5.07
CA ARG B 232 -12.68 4.96 -4.13
C ARG B 232 -13.55 5.99 -4.84
N VAL B 233 -14.86 5.86 -4.66
CA VAL B 233 -15.84 6.79 -5.23
C VAL B 233 -16.42 7.62 -4.11
N SER B 234 -16.41 8.94 -4.28
CA SER B 234 -16.88 9.85 -3.25
C SER B 234 -18.07 10.66 -3.77
N LYS B 235 -18.72 11.35 -2.85
CA LYS B 235 -19.94 12.08 -3.18
C LYS B 235 -19.62 13.34 -3.98
N ALA B 236 -20.39 13.57 -5.03
CA ALA B 236 -20.25 14.77 -5.85
C ALA B 236 -21.51 14.92 -6.68
N ASP B 237 -21.65 16.08 -7.31
CA ASP B 237 -22.77 16.28 -8.22
C ASP B 237 -22.67 15.37 -9.43
N VAL B 238 -23.82 14.90 -9.90
CA VAL B 238 -23.90 14.13 -11.15
C VAL B 238 -24.12 15.11 -12.29
N VAL B 239 -23.29 15.02 -13.33
CA VAL B 239 -23.43 15.90 -14.48
C VAL B 239 -23.82 15.08 -15.70
N ASP B 240 -24.49 15.74 -16.64
CA ASP B 240 -24.84 15.10 -17.90
C ASP B 240 -23.59 14.79 -18.70
N VAL B 241 -23.63 13.69 -19.44
CA VAL B 241 -22.51 13.26 -20.27
C VAL B 241 -23.07 12.44 -21.42
N ASP B 242 -22.38 12.50 -22.56
CA ASP B 242 -22.58 11.56 -23.65
C ASP B 242 -21.54 10.45 -23.45
N TRP B 243 -22.01 9.26 -23.07
CA TRP B 243 -21.08 8.20 -22.69
C TRP B 243 -20.26 7.73 -23.89
N ALA B 244 -20.74 7.96 -25.11
CA ALA B 244 -19.96 7.65 -26.30
C ALA B 244 -18.84 8.67 -26.51
N LYS B 245 -19.05 9.91 -26.07
CA LYS B 245 -18.04 10.97 -26.17
C LYS B 245 -17.94 11.66 -24.81
N PRO B 246 -17.36 10.97 -23.82
CA PRO B 246 -17.40 11.48 -22.45
C PRO B 246 -16.50 12.69 -22.23
N LEU B 247 -15.76 13.12 -23.24
CA LEU B 247 -14.98 14.37 -23.17
C LEU B 247 -15.47 15.40 -24.17
N ALA B 248 -16.70 15.25 -24.68
CA ALA B 248 -17.21 16.17 -25.68
C ALA B 248 -17.17 17.61 -25.17
N GLY B 249 -16.71 18.51 -26.02
CA GLY B 249 -16.70 19.92 -25.71
C GLY B 249 -15.61 20.35 -24.74
N LYS B 250 -14.76 19.43 -24.29
CA LYS B 250 -13.70 19.75 -23.36
C LYS B 250 -12.37 19.92 -24.10
N THR B 251 -11.46 20.69 -23.48
CA THR B 251 -10.12 20.90 -23.98
C THR B 251 -9.12 20.25 -23.02
N ALA B 252 -8.22 19.44 -23.56
CA ALA B 252 -7.22 18.74 -22.78
C ALA B 252 -5.83 19.14 -23.25
N LEU B 253 -4.89 19.17 -22.31
CA LEU B 253 -3.48 19.36 -22.59
C LEU B 253 -2.71 18.15 -22.05
N VAL B 254 -1.85 17.57 -22.89
CA VAL B 254 -1.09 16.38 -22.56
C VAL B 254 0.39 16.74 -22.70
N THR B 255 1.16 16.58 -21.62
CA THR B 255 2.60 16.82 -21.68
C THR B 255 3.33 15.56 -22.14
N GLY B 256 4.51 15.76 -22.73
CA GLY B 256 5.19 14.66 -23.39
C GLY B 256 4.36 13.97 -24.45
N ALA B 257 3.63 14.74 -25.26
CA ALA B 257 2.63 14.17 -26.16
C ALA B 257 3.19 13.68 -27.49
N SER B 258 4.46 13.95 -27.80
CA SER B 258 4.97 13.74 -29.15
C SER B 258 5.20 12.27 -29.49
N ARG B 259 5.19 11.36 -28.51
CA ARG B 259 5.53 9.97 -28.75
C ARG B 259 5.06 9.13 -27.58
N GLY B 260 5.21 7.81 -27.73
CA GLY B 260 5.02 6.87 -26.64
C GLY B 260 3.66 6.96 -25.97
N ILE B 261 3.66 6.85 -24.64
CA ILE B 261 2.40 6.86 -23.90
C ILE B 261 1.70 8.21 -24.05
N GLY B 262 2.47 9.30 -24.10
CA GLY B 262 1.87 10.60 -24.35
C GLY B 262 1.06 10.66 -25.64
N GLU B 263 1.61 10.08 -26.72
CA GLU B 263 0.87 10.03 -27.97
C GLU B 263 -0.39 9.17 -27.83
N ALA B 264 -0.29 8.03 -27.15
CA ALA B 264 -1.47 7.18 -26.97
C ALA B 264 -2.54 7.90 -26.15
N ILE B 265 -2.12 8.65 -25.13
CA ILE B 265 -3.06 9.44 -24.35
C ILE B 265 -3.79 10.44 -25.24
N ALA B 266 -3.03 11.15 -26.07
CA ALA B 266 -3.63 12.14 -26.96
C ALA B 266 -4.67 11.49 -27.87
N HIS B 267 -4.40 10.28 -28.35
CA HIS B 267 -5.35 9.63 -29.24
C HIS B 267 -6.63 9.26 -28.52
N VAL B 268 -6.52 8.71 -27.30
CA VAL B 268 -7.73 8.27 -26.61
C VAL B 268 -8.56 9.46 -26.17
N LEU B 269 -7.92 10.54 -25.71
CA LEU B 269 -8.71 11.70 -25.27
C LEU B 269 -9.44 12.33 -26.45
N ALA B 270 -8.82 12.36 -27.62
CA ALA B 270 -9.46 12.91 -28.81
C ALA B 270 -10.61 12.00 -29.28
N ARG B 271 -10.41 10.68 -29.22
CA ARG B 271 -11.47 9.74 -29.53
C ARG B 271 -12.69 9.95 -28.62
N ASP B 272 -12.48 10.36 -27.38
CA ASP B 272 -13.60 10.62 -26.46
C ASP B 272 -14.20 12.01 -26.62
N GLY B 273 -13.72 12.81 -27.57
CA GLY B 273 -14.33 14.09 -27.89
C GLY B 273 -13.53 15.31 -27.49
N ALA B 274 -12.41 15.15 -26.79
CA ALA B 274 -11.65 16.32 -26.36
C ALA B 274 -10.88 16.91 -27.53
N HIS B 275 -10.74 18.24 -27.50
CA HIS B 275 -9.73 18.90 -28.31
C HIS B 275 -8.42 18.89 -27.54
N VAL B 276 -7.40 18.27 -28.11
CA VAL B 276 -6.18 17.95 -27.37
C VAL B 276 -5.07 18.90 -27.80
N ILE B 277 -4.55 19.67 -26.84
CA ILE B 277 -3.31 20.41 -27.02
C ILE B 277 -2.15 19.50 -26.65
N CYS B 278 -1.28 19.22 -27.63
CA CYS B 278 -0.16 18.31 -27.45
C CYS B 278 1.08 19.13 -27.11
N LEU B 279 1.63 18.89 -25.91
CA LEU B 279 2.77 19.67 -25.40
C LEU B 279 4.02 18.81 -25.38
N ASP B 280 5.12 19.35 -25.87
CA ASP B 280 6.44 18.74 -25.77
C ASP B 280 7.46 19.82 -26.09
N VAL B 281 8.74 19.45 -26.04
CA VAL B 281 9.81 20.43 -26.22
C VAL B 281 9.89 20.81 -27.70
N PRO B 282 10.31 22.04 -28.02
CA PRO B 282 10.44 22.43 -29.44
C PRO B 282 11.25 21.47 -30.28
N GLN B 283 12.21 20.75 -29.66
CA GLN B 283 12.98 19.75 -30.38
C GLN B 283 12.10 18.67 -31.00
N GLN B 284 10.89 18.47 -30.49
CA GLN B 284 9.97 17.47 -31.03
C GLN B 284 8.84 18.09 -31.84
N GLN B 285 9.09 19.23 -32.50
CA GLN B 285 8.01 19.93 -33.18
C GLN B 285 7.40 19.08 -34.30
N ALA B 286 8.23 18.40 -35.08
CA ALA B 286 7.71 17.58 -36.17
C ALA B 286 6.79 16.48 -35.67
N ASP B 287 7.23 15.74 -34.64
CA ASP B 287 6.41 14.69 -34.07
C ASP B 287 5.15 15.27 -33.44
N LEU B 288 5.28 16.41 -32.76
CA LEU B 288 4.12 17.12 -32.23
C LEU B 288 3.10 17.41 -33.33
N ASP B 289 3.56 17.99 -34.44
CA ASP B 289 2.65 18.32 -35.54
C ASP B 289 2.00 17.07 -36.10
N ARG B 290 2.77 15.98 -36.19
CA ARG B 290 2.24 14.71 -36.67
C ARG B 290 1.11 14.21 -35.78
N VAL B 291 1.31 14.22 -34.47
CA VAL B 291 0.29 13.71 -33.55
C VAL B 291 -0.93 14.62 -33.56
N ALA B 292 -0.72 15.95 -33.55
CA ALA B 292 -1.85 16.87 -33.53
C ALA B 292 -2.67 16.77 -34.81
N ALA B 293 -2.01 16.53 -35.94
CA ALA B 293 -2.74 16.39 -37.20
C ALA B 293 -3.53 15.09 -37.24
N ASP B 294 -2.98 14.01 -36.67
CA ASP B 294 -3.66 12.72 -36.72
C ASP B 294 -4.95 12.72 -35.89
N ILE B 295 -4.99 13.49 -34.80
CA ILE B 295 -6.15 13.48 -33.90
C ILE B 295 -7.00 14.73 -34.05
N GLY B 296 -6.60 15.68 -34.88
CA GLY B 296 -7.35 16.91 -35.01
C GLY B 296 -7.12 17.89 -33.87
N GLY B 297 -5.93 17.89 -33.29
CA GLY B 297 -5.60 18.73 -32.17
C GLY B 297 -4.73 19.92 -32.55
N SER B 298 -4.04 20.46 -31.55
CA SER B 298 -3.13 21.59 -31.73
C SER B 298 -1.87 21.29 -30.93
N THR B 299 -0.87 22.17 -31.05
CA THR B 299 0.44 21.94 -30.45
C THR B 299 0.83 23.10 -29.55
N LEU B 300 1.66 22.81 -28.56
CA LEU B 300 2.27 23.83 -27.69
C LEU B 300 3.68 23.34 -27.38
N ALA B 301 4.67 23.95 -28.03
CA ALA B 301 6.06 23.49 -27.93
C ALA B 301 6.78 24.33 -26.88
N ILE B 302 6.81 23.82 -25.64
CA ILE B 302 7.53 24.47 -24.55
C ILE B 302 8.16 23.41 -23.66
N ASP B 303 9.09 23.86 -22.83
CA ASP B 303 9.66 23.04 -21.77
C ASP B 303 8.76 23.14 -20.53
N ILE B 304 8.17 22.02 -20.13
CA ILE B 304 7.23 22.04 -19.02
C ILE B 304 7.88 22.49 -17.71
N THR B 305 9.22 22.40 -17.60
CA THR B 305 9.88 22.86 -16.37
C THR B 305 10.04 24.38 -16.33
N ALA B 306 9.86 25.07 -17.45
CA ALA B 306 10.07 26.52 -17.49
C ALA B 306 9.19 27.21 -16.45
N ALA B 307 9.73 28.27 -15.85
CA ALA B 307 9.00 28.99 -14.81
C ALA B 307 7.67 29.55 -15.32
N ASP B 308 7.56 29.82 -16.61
CA ASP B 308 6.32 30.38 -17.14
C ASP B 308 5.45 29.34 -17.85
N ALA B 309 5.73 28.04 -17.64
CA ALA B 309 5.01 27.00 -18.37
C ALA B 309 3.51 27.07 -18.12
N GLY B 310 3.11 27.23 -16.85
CA GLY B 310 1.69 27.30 -16.55
C GLY B 310 1.04 28.52 -17.18
N GLU B 311 1.77 29.63 -17.20
CA GLU B 311 1.31 30.83 -17.90
C GLU B 311 1.02 30.55 -19.36
N LYS B 312 1.96 29.91 -20.04
CA LYS B 312 1.82 29.65 -21.47
C LYS B 312 0.77 28.57 -21.75
N ILE B 313 0.62 27.61 -20.83
CA ILE B 313 -0.46 26.64 -20.96
C ILE B 313 -1.81 27.33 -20.91
N LYS B 314 -2.02 28.19 -19.90
CA LYS B 314 -3.30 28.90 -19.82
C LYS B 314 -3.53 29.78 -21.04
N ALA B 315 -2.49 30.51 -21.47
CA ALA B 315 -2.60 31.33 -22.67
C ALA B 315 -3.00 30.50 -23.88
N ALA B 316 -2.40 29.31 -24.03
CA ALA B 316 -2.74 28.45 -25.17
C ALA B 316 -4.17 27.95 -25.07
N ALA B 317 -4.60 27.49 -23.90
CA ALA B 317 -5.95 26.95 -23.82
C ALA B 317 -7.03 28.03 -23.99
N ALA B 318 -6.67 29.31 -23.89
CA ALA B 318 -7.66 30.37 -24.06
C ALA B 318 -8.31 30.31 -25.44
N LYS B 319 -7.55 29.89 -26.46
CA LYS B 319 -8.06 29.83 -27.82
C LYS B 319 -9.16 28.77 -28.00
N GLN B 320 -9.37 27.91 -27.01
CA GLN B 320 -10.34 26.83 -27.14
C GLN B 320 -11.37 26.84 -26.01
N GLY B 321 -11.49 27.93 -25.27
CA GLY B 321 -12.46 28.02 -24.20
C GLY B 321 -11.94 27.69 -22.83
N GLY B 322 -10.65 27.83 -22.60
CA GLY B 322 -10.08 27.47 -21.32
C GLY B 322 -9.75 26.00 -21.24
N LEU B 323 -8.93 25.67 -20.27
CA LEU B 323 -8.46 24.30 -20.10
C LEU B 323 -9.40 23.54 -19.17
N ASP B 324 -9.78 22.34 -19.57
CA ASP B 324 -10.55 21.46 -18.73
C ASP B 324 -9.72 20.34 -18.13
N ILE B 325 -8.76 19.81 -18.85
CA ILE B 325 -8.06 18.59 -18.47
C ILE B 325 -6.57 18.80 -18.68
N ILE B 326 -5.75 18.47 -17.68
CA ILE B 326 -4.31 18.44 -17.89
C ILE B 326 -3.79 17.09 -17.43
N VAL B 327 -2.96 16.47 -18.27
CA VAL B 327 -2.36 15.18 -18.01
C VAL B 327 -0.86 15.38 -17.95
N HIS B 328 -0.29 15.19 -16.76
CA HIS B 328 1.16 15.33 -16.56
C HIS B 328 1.81 14.00 -16.92
N ASN B 329 2.10 13.82 -18.21
CA ASN B 329 2.72 12.60 -18.66
C ASN B 329 4.22 12.73 -18.91
N ALA B 330 4.71 13.94 -19.14
CA ALA B 330 6.14 14.17 -19.30
C ALA B 330 6.89 13.58 -18.11
N GLY B 331 7.93 12.82 -18.41
CA GLY B 331 8.78 12.28 -17.36
C GLY B 331 9.96 11.55 -17.97
N ILE B 332 11.00 11.42 -17.16
CA ILE B 332 12.24 10.79 -17.60
C ILE B 332 12.74 9.84 -16.52
N THR B 333 13.56 8.89 -16.93
CA THR B 333 14.41 8.13 -16.02
C THR B 333 15.86 8.49 -16.29
N ARG B 334 16.66 8.56 -15.23
CA ARG B 334 18.12 8.63 -15.32
C ARG B 334 18.68 7.60 -14.34
N ASP B 335 18.57 6.32 -14.70
CA ASP B 335 18.89 5.25 -13.77
C ASP B 335 20.39 5.20 -13.53
N LYS B 336 20.76 5.24 -12.25
CA LYS B 336 22.13 5.10 -11.77
C LYS B 336 22.03 4.64 -10.32
N THR B 337 22.98 3.80 -9.89
CA THR B 337 23.10 3.57 -8.45
C THR B 337 23.36 4.91 -7.76
N LEU B 338 22.88 5.05 -6.52
CA LEU B 338 23.04 6.33 -5.85
C LEU B 338 24.51 6.68 -5.72
N ALA B 339 25.36 5.69 -5.48
CA ALA B 339 26.78 5.96 -5.30
C ALA B 339 27.45 6.47 -6.58
N ASN B 340 26.88 6.16 -7.75
CA ASN B 340 27.41 6.61 -9.03
C ASN B 340 26.69 7.83 -9.61
N MET B 341 25.55 8.20 -9.04
CA MET B 341 24.72 9.24 -9.64
C MET B 341 25.32 10.62 -9.43
N LYS B 342 25.22 11.45 -10.46
CA LYS B 342 25.67 12.83 -10.40
C LYS B 342 24.57 13.72 -9.84
N PRO B 343 24.96 14.81 -9.17
CA PRO B 343 23.97 15.72 -8.58
C PRO B 343 22.90 16.19 -9.56
N GLU B 344 23.31 16.64 -10.75
CA GLU B 344 22.36 17.12 -11.75
C GLU B 344 21.36 16.05 -12.16
N LEU B 345 21.73 14.77 -12.05
CA LEU B 345 20.85 13.69 -12.49
C LEU B 345 19.81 13.32 -11.44
N TRP B 346 20.11 13.57 -10.17
CA TRP B 346 19.04 13.58 -9.17
C TRP B 346 18.10 14.75 -9.42
N ASP B 347 18.66 15.96 -9.51
CA ASP B 347 17.86 17.16 -9.66
C ASP B 347 16.95 17.10 -10.88
N LEU B 348 17.49 16.67 -12.03
CA LEU B 348 16.70 16.69 -13.26
C LEU B 348 15.48 15.79 -13.15
N VAL B 349 15.64 14.61 -12.56
CA VAL B 349 14.54 13.66 -12.45
C VAL B 349 13.46 14.20 -11.52
N ILE B 350 13.84 14.78 -10.37
CA ILE B 350 12.84 15.36 -9.48
C ILE B 350 12.14 16.52 -10.17
N ASN B 351 12.88 17.39 -10.83
CA ASN B 351 12.32 18.56 -11.50
C ASN B 351 11.25 18.16 -12.53
N ILE B 352 11.64 17.38 -13.55
CA ILE B 352 10.71 17.03 -14.62
C ILE B 352 9.54 16.22 -14.09
N ASN B 353 9.82 15.20 -13.26
CA ASN B 353 8.77 14.28 -12.84
C ASN B 353 7.87 14.83 -11.75
N LEU B 354 8.32 15.78 -10.95
CA LEU B 354 7.49 16.18 -9.82
C LEU B 354 7.32 17.70 -9.71
N SER B 355 8.42 18.42 -9.53
CA SER B 355 8.34 19.86 -9.22
C SER B 355 7.65 20.64 -10.34
N ALA B 356 7.90 20.26 -11.59
CA ALA B 356 7.31 20.95 -12.73
C ALA B 356 5.80 20.84 -12.73
N ALA B 357 5.28 19.64 -12.42
CA ALA B 357 3.83 19.48 -12.32
C ALA B 357 3.28 20.30 -11.15
N GLU B 358 4.01 20.34 -10.04
CA GLU B 358 3.60 21.17 -8.91
C GLU B 358 3.48 22.64 -9.29
N ARG B 359 4.48 23.17 -10.02
CA ARG B 359 4.46 24.58 -10.41
C ARG B 359 3.28 24.88 -11.33
N VAL B 360 2.98 23.97 -12.26
CA VAL B 360 1.91 24.21 -13.22
C VAL B 360 0.56 24.12 -12.54
N ASN B 361 0.36 23.10 -11.72
CA ASN B 361 -0.87 22.99 -10.92
C ASN B 361 -1.07 24.25 -10.10
N ASP B 362 -0.03 24.69 -9.39
CA ASP B 362 -0.16 25.88 -8.55
C ASP B 362 -0.62 27.07 -9.37
N TYR B 363 0.00 27.27 -10.53
CA TYR B 363 -0.38 28.39 -11.37
C TYR B 363 -1.83 28.29 -11.80
N LEU B 364 -2.20 27.13 -12.38
CA LEU B 364 -3.55 26.98 -12.92
C LEU B 364 -4.60 27.11 -11.83
N LEU B 365 -4.32 26.59 -10.64
CA LEU B 365 -5.32 26.64 -9.59
C LEU B 365 -5.41 28.02 -8.95
N GLU B 366 -4.30 28.76 -8.90
CA GLU B 366 -4.30 30.10 -8.31
C GLU B 366 -4.77 31.16 -9.30
N ASN B 367 -4.83 30.84 -10.59
CA ASN B 367 -5.15 31.81 -11.63
C ASN B 367 -6.34 31.38 -12.48
N ASP B 368 -7.24 30.59 -11.91
CA ASP B 368 -8.40 30.05 -12.63
C ASP B 368 -8.01 29.56 -14.02
N GLY B 369 -6.97 28.75 -14.07
CA GLY B 369 -6.55 28.18 -15.33
C GLY B 369 -7.19 26.85 -15.67
N LEU B 370 -8.00 26.31 -14.76
CA LEU B 370 -8.77 25.09 -15.00
C LEU B 370 -10.25 25.39 -14.79
N ASN B 371 -11.07 24.99 -15.77
CA ASN B 371 -12.51 25.23 -15.71
C ASN B 371 -13.17 24.34 -14.67
N ALA B 372 -14.37 24.73 -14.24
CA ALA B 372 -15.11 23.94 -13.27
C ALA B 372 -15.35 22.52 -13.79
N ASN B 373 -15.45 21.55 -12.87
CA ASN B 373 -15.45 20.12 -13.21
C ASN B 373 -14.23 19.73 -14.04
N GLY B 374 -13.10 20.43 -13.82
CA GLY B 374 -11.88 20.13 -14.53
C GLY B 374 -11.17 18.91 -13.96
N ARG B 375 -10.07 18.52 -14.61
CA ARG B 375 -9.39 17.27 -14.32
C ARG B 375 -7.89 17.45 -14.33
N ILE B 376 -7.22 17.00 -13.27
CA ILE B 376 -5.76 16.87 -13.26
C ILE B 376 -5.47 15.39 -13.13
N VAL B 377 -4.72 14.84 -14.08
CA VAL B 377 -4.34 13.43 -14.06
C VAL B 377 -2.82 13.35 -14.11
N CYS B 378 -2.24 12.75 -13.08
CA CYS B 378 -0.80 12.58 -13.00
C CYS B 378 -0.42 11.15 -13.33
N VAL B 379 0.88 10.94 -13.50
CA VAL B 379 1.43 9.64 -13.83
C VAL B 379 2.52 9.34 -12.82
N SER B 380 2.26 8.38 -11.94
CA SER B 380 3.26 7.86 -11.03
C SER B 380 3.90 6.64 -11.70
N SER B 381 4.23 5.63 -10.92
CA SER B 381 4.92 4.45 -11.43
C SER B 381 4.93 3.39 -10.36
N ILE B 382 4.98 2.11 -10.78
CA ILE B 382 5.16 1.04 -9.80
C ILE B 382 6.44 1.26 -8.99
N SER B 383 7.50 1.80 -9.62
CA SER B 383 8.71 2.03 -8.84
C SER B 383 8.52 3.13 -7.79
N GLY B 384 7.57 4.04 -8.01
CA GLY B 384 7.25 5.01 -6.97
C GLY B 384 6.58 4.36 -5.76
N ILE B 385 5.92 3.22 -5.97
CA ILE B 385 5.21 2.51 -4.92
C ILE B 385 6.11 1.49 -4.24
N ALA B 386 6.96 0.84 -5.04
CA ALA B 386 7.68 -0.35 -4.63
C ALA B 386 9.19 -0.17 -4.56
N GLY B 387 9.74 0.91 -5.11
CA GLY B 387 11.18 1.09 -5.15
C GLY B 387 11.80 0.23 -6.23
N ASN B 388 13.00 0.62 -6.68
CA ASN B 388 13.73 -0.16 -7.67
C ASN B 388 15.21 0.18 -7.58
N LEU B 389 16.06 -0.85 -7.72
CA LEU B 389 17.51 -0.66 -7.82
C LEU B 389 17.83 0.30 -8.94
N GLY B 390 18.72 1.25 -8.68
CA GLY B 390 19.08 2.22 -9.70
C GLY B 390 18.09 3.36 -9.86
N GLN B 391 17.03 3.39 -9.08
CA GLN B 391 15.99 4.39 -9.27
C GLN B 391 15.67 5.11 -7.96
N THR B 392 16.69 5.44 -7.15
CA THR B 392 16.41 6.26 -5.97
C THR B 392 15.84 7.62 -6.36
N ASN B 393 16.31 8.20 -7.47
CA ASN B 393 15.78 9.49 -7.91
C ASN B 393 14.38 9.35 -8.50
N TYR B 394 14.18 8.37 -9.37
CA TYR B 394 12.90 8.21 -10.05
C TYR B 394 11.82 7.83 -9.07
N ALA B 395 12.11 6.87 -8.19
CA ALA B 395 11.11 6.40 -7.24
C ALA B 395 10.74 7.48 -6.22
N ALA B 396 11.73 8.24 -5.75
CA ALA B 396 11.41 9.41 -4.93
C ALA B 396 10.47 10.35 -5.66
N SER B 397 10.75 10.64 -6.94
CA SER B 397 9.91 11.59 -7.67
C SER B 397 8.51 11.03 -7.88
N LYS B 398 8.38 9.71 -8.10
CA LYS B 398 7.06 9.15 -8.40
C LYS B 398 6.26 8.87 -7.14
N ALA B 399 6.94 8.60 -6.02
CA ALA B 399 6.26 8.59 -4.73
C ALA B 399 5.77 9.98 -4.37
N GLY B 400 6.55 11.01 -4.75
CA GLY B 400 6.09 12.37 -4.56
C GLY B 400 4.83 12.67 -5.35
N VAL B 401 4.73 12.15 -6.57
CA VAL B 401 3.50 12.32 -7.37
C VAL B 401 2.30 11.74 -6.63
N ILE B 402 2.48 10.62 -5.92
CA ILE B 402 1.38 10.08 -5.12
C ILE B 402 0.98 11.07 -4.03
N GLY B 403 1.96 11.71 -3.41
CA GLY B 403 1.65 12.71 -2.40
C GLY B 403 0.99 13.93 -3.00
N LEU B 404 1.44 14.33 -4.19
CA LEU B 404 0.81 15.43 -4.92
C LEU B 404 -0.67 15.17 -5.12
N VAL B 405 -1.02 13.94 -5.47
CA VAL B 405 -2.43 13.58 -5.66
C VAL B 405 -3.17 13.58 -4.33
N LYS B 406 -2.59 12.90 -3.33
CA LYS B 406 -3.30 12.71 -2.06
C LYS B 406 -3.51 14.03 -1.32
N PHE B 407 -2.53 14.94 -1.37
CA PHE B 407 -2.68 16.15 -0.57
C PHE B 407 -3.20 17.35 -1.37
N THR B 408 -3.33 17.23 -2.68
CA THR B 408 -4.05 18.24 -3.45
C THR B 408 -5.55 17.96 -3.48
N ALA B 409 -5.92 16.68 -3.56
CA ALA B 409 -7.34 16.33 -3.66
C ALA B 409 -8.23 17.00 -2.61
N PRO B 410 -7.87 17.09 -1.32
CA PRO B 410 -8.81 17.69 -0.35
C PRO B 410 -9.00 19.19 -0.53
N ILE B 411 -8.10 19.90 -1.20
CA ILE B 411 -8.20 21.36 -1.29
C ILE B 411 -8.74 21.84 -2.63
N LEU B 412 -9.11 20.93 -3.53
CA LEU B 412 -9.69 21.32 -4.81
C LEU B 412 -11.12 21.84 -4.63
N LYS B 413 -11.48 22.81 -5.46
CA LYS B 413 -12.82 23.42 -5.48
C LYS B 413 -13.43 23.34 -6.87
N ASN B 414 -14.71 23.71 -6.96
CA ASN B 414 -15.40 23.86 -8.24
C ASN B 414 -15.47 22.55 -9.01
N GLY B 415 -15.50 21.42 -8.30
CA GLY B 415 -15.63 20.12 -8.93
C GLY B 415 -14.39 19.64 -9.65
N ILE B 416 -13.24 20.29 -9.46
CA ILE B 416 -12.02 19.81 -10.09
C ILE B 416 -11.54 18.58 -9.31
N THR B 417 -11.01 17.60 -10.03
CA THR B 417 -10.45 16.41 -9.39
C THR B 417 -8.99 16.24 -9.76
N ILE B 418 -8.27 15.49 -8.92
CA ILE B 418 -6.91 15.07 -9.22
C ILE B 418 -6.77 13.59 -8.91
N ASN B 419 -6.22 12.85 -9.85
CA ASN B 419 -5.97 11.42 -9.71
C ASN B 419 -4.66 11.10 -10.41
N ALA B 420 -4.13 9.90 -10.17
CA ALA B 420 -2.95 9.45 -10.90
C ALA B 420 -3.12 8.02 -11.37
N VAL B 421 -2.49 7.68 -12.50
CA VAL B 421 -2.24 6.29 -12.87
C VAL B 421 -0.82 5.93 -12.45
N ALA B 422 -0.59 4.64 -12.14
CA ALA B 422 0.75 4.14 -11.81
C ALA B 422 1.03 2.95 -12.71
N PRO B 423 1.63 3.17 -13.88
CA PRO B 423 1.82 2.06 -14.83
C PRO B 423 2.88 1.09 -14.36
N GLY B 424 2.67 -0.18 -14.71
CA GLY B 424 3.65 -1.21 -14.49
C GLY B 424 4.53 -1.36 -15.73
N PHE B 425 4.66 -2.57 -16.25
CA PHE B 425 5.46 -2.80 -17.45
C PHE B 425 4.61 -2.54 -18.69
N ILE B 426 4.93 -1.47 -19.42
CA ILE B 426 4.25 -1.08 -20.65
C ILE B 426 5.26 -1.16 -21.79
N GLU B 427 4.93 -1.91 -22.85
CA GLU B 427 5.82 -2.02 -24.01
C GLU B 427 5.79 -0.73 -24.81
N THR B 428 6.96 -0.10 -24.98
CA THR B 428 7.10 1.09 -25.82
C THR B 428 8.36 0.92 -26.68
N GLN B 429 8.82 2.04 -27.26
CA GLN B 429 10.11 2.10 -27.94
C GLN B 429 11.26 2.35 -26.97
N MET B 430 11.01 3.01 -25.85
CA MET B 430 12.00 3.10 -24.78
C MET B 430 12.16 1.79 -23.99
N THR B 431 11.53 0.71 -24.48
CA THR B 431 11.64 -0.60 -23.83
C THR B 431 12.93 -1.31 -24.22
N ALA B 432 13.42 -1.12 -25.45
CA ALA B 432 14.64 -1.77 -25.89
C ALA B 432 15.87 -1.34 -25.08
N ALA B 433 15.80 -0.20 -24.38
CA ALA B 433 16.93 0.25 -23.57
C ALA B 433 17.26 -0.76 -22.48
N ILE B 434 16.24 -1.23 -21.76
CA ILE B 434 16.42 -2.17 -20.66
C ILE B 434 16.81 -3.53 -21.24
N PRO B 435 17.57 -4.35 -20.51
CA PRO B 435 17.99 -5.64 -21.05
C PRO B 435 16.80 -6.52 -21.42
N PHE B 436 17.01 -7.42 -22.39
CA PHE B 436 15.97 -8.36 -22.76
C PHE B 436 15.59 -9.24 -21.57
N ALA B 437 16.54 -9.52 -20.68
CA ALA B 437 16.24 -10.32 -19.49
C ALA B 437 15.34 -9.56 -18.53
N ILE B 438 15.74 -8.35 -18.13
CA ILE B 438 14.92 -7.56 -17.21
C ILE B 438 13.57 -7.23 -17.84
N ARG B 439 13.53 -7.04 -19.17
CA ARG B 439 12.28 -6.84 -19.86
C ARG B 439 11.44 -8.11 -19.89
N GLU B 440 12.08 -9.27 -19.81
CA GLU B 440 11.31 -10.51 -19.67
C GLU B 440 10.70 -10.63 -18.28
N ALA B 441 11.38 -10.11 -17.25
CA ALA B 441 10.83 -10.13 -15.90
C ALA B 441 9.55 -9.30 -15.83
N GLY B 442 9.59 -8.08 -16.36
CA GLY B 442 8.40 -7.24 -16.34
C GLY B 442 7.26 -7.83 -17.14
N ARG B 443 7.56 -8.58 -18.19
CA ARG B 443 6.51 -9.19 -19.00
C ARG B 443 5.79 -10.30 -18.23
N ARG B 444 6.52 -11.08 -17.44
CA ARG B 444 5.92 -12.26 -16.85
C ARG B 444 5.34 -12.02 -15.47
N MET B 445 5.90 -11.09 -14.69
CA MET B 445 5.62 -11.02 -13.26
C MET B 445 4.33 -10.22 -12.98
N ASN B 446 3.25 -10.65 -13.62
CA ASN B 446 1.94 -10.05 -13.35
C ASN B 446 0.89 -11.11 -13.67
N SER B 447 -0.35 -10.87 -13.22
CA SER B 447 -1.40 -11.85 -13.42
C SER B 447 -1.78 -12.01 -14.88
N MET B 448 -1.50 -11.02 -15.73
CA MET B 448 -1.80 -11.18 -17.15
C MET B 448 -0.71 -11.94 -17.90
N GLN B 449 0.43 -12.19 -17.27
CA GLN B 449 1.56 -12.88 -17.88
C GLN B 449 2.03 -12.18 -19.16
N GLN B 450 1.82 -10.87 -19.25
CA GLN B 450 2.28 -10.10 -20.39
C GLN B 450 2.44 -8.65 -19.98
N GLY B 451 3.22 -7.91 -20.77
CA GLY B 451 3.26 -6.47 -20.61
C GLY B 451 2.01 -5.79 -21.16
N GLY B 452 1.77 -4.58 -20.67
CA GLY B 452 0.66 -3.78 -21.12
C GLY B 452 0.99 -3.01 -22.39
N LEU B 453 -0.02 -2.31 -22.90
CA LEU B 453 0.15 -1.45 -24.06
C LEU B 453 -0.08 -0.01 -23.65
N PRO B 454 0.52 0.95 -24.36
CA PRO B 454 0.24 2.36 -24.08
C PRO B 454 -1.25 2.70 -24.01
N VAL B 455 -2.09 2.03 -24.81
CA VAL B 455 -3.50 2.37 -24.79
C VAL B 455 -4.13 2.02 -23.45
N ASP B 456 -3.64 0.99 -22.77
CA ASP B 456 -4.19 0.64 -21.45
C ASP B 456 -3.99 1.77 -20.45
N VAL B 457 -2.84 2.43 -20.49
CA VAL B 457 -2.61 3.59 -19.62
C VAL B 457 -3.53 4.73 -20.01
N ALA B 458 -3.61 4.99 -21.32
CA ALA B 458 -4.44 6.08 -21.83
C ALA B 458 -5.90 5.89 -21.46
N GLU B 459 -6.41 4.65 -21.54
CA GLU B 459 -7.80 4.42 -21.18
C GLU B 459 -8.07 4.74 -19.72
N THR B 460 -7.14 4.39 -18.83
CA THR B 460 -7.37 4.67 -17.41
C THR B 460 -7.36 6.17 -17.15
N ILE B 461 -6.42 6.88 -17.79
CA ILE B 461 -6.40 8.34 -17.73
C ILE B 461 -7.68 8.92 -18.29
N ALA B 462 -8.20 8.34 -19.37
CA ALA B 462 -9.43 8.88 -19.96
C ALA B 462 -10.62 8.66 -19.04
N TRP B 463 -10.62 7.55 -18.32
CA TRP B 463 -11.68 7.32 -17.34
C TRP B 463 -11.65 8.39 -16.24
N PHE B 464 -10.45 8.72 -15.72
CA PHE B 464 -10.34 9.80 -14.74
C PHE B 464 -10.85 11.12 -15.31
N ALA B 465 -10.47 11.43 -16.55
CA ALA B 465 -10.81 12.72 -17.17
C ALA B 465 -12.26 12.83 -17.57
N SER B 466 -13.00 11.71 -17.60
CA SER B 466 -14.40 11.71 -18.04
C SER B 466 -15.18 12.82 -17.37
N THR B 467 -15.96 13.55 -18.17
CA THR B 467 -16.85 14.54 -17.59
C THR B 467 -17.73 13.93 -16.49
N ALA B 468 -18.02 12.64 -16.58
CA ALA B 468 -18.90 12.01 -15.59
C ALA B 468 -18.19 11.59 -14.31
N SER B 469 -16.87 11.66 -14.23
CA SER B 469 -16.15 11.10 -13.07
C SER B 469 -15.95 12.15 -11.98
N THR B 470 -17.07 12.77 -11.60
CA THR B 470 -17.05 13.88 -10.64
C THR B 470 -16.70 13.41 -9.24
N GLY B 471 -17.04 12.15 -8.92
CA GLY B 471 -16.80 11.60 -7.60
C GLY B 471 -15.59 10.70 -7.54
N VAL B 472 -14.64 10.88 -8.47
CA VAL B 472 -13.38 10.13 -8.48
C VAL B 472 -12.27 11.13 -8.24
N ASN B 473 -11.72 11.14 -7.03
CA ASN B 473 -10.79 12.18 -6.60
C ASN B 473 -9.82 11.63 -5.57
N GLY B 474 -8.54 11.95 -5.74
CA GLY B 474 -7.53 11.45 -4.82
C GLY B 474 -7.10 10.00 -5.02
N ASN B 475 -7.47 9.37 -6.14
CA ASN B 475 -7.12 7.97 -6.39
C ASN B 475 -5.77 7.86 -7.08
N VAL B 476 -5.01 6.83 -6.72
CA VAL B 476 -3.88 6.37 -7.51
C VAL B 476 -4.16 4.94 -7.93
N VAL B 477 -4.31 4.71 -9.23
CA VAL B 477 -4.70 3.41 -9.76
C VAL B 477 -3.56 2.86 -10.59
N ARG B 478 -3.04 1.70 -10.18
CA ARG B 478 -1.99 1.06 -10.95
C ARG B 478 -2.54 0.49 -12.26
N VAL B 479 -1.78 0.65 -13.33
CA VAL B 479 -2.09 0.02 -14.62
C VAL B 479 -0.97 -0.96 -14.89
N CYS B 480 -1.08 -2.15 -14.30
CA CYS B 480 0.06 -3.06 -14.21
C CYS B 480 -0.29 -4.50 -14.52
N GLY B 481 -1.52 -4.80 -14.92
CA GLY B 481 -1.94 -6.19 -15.07
C GLY B 481 -1.82 -7.00 -13.80
N GLN B 482 -1.92 -6.33 -12.64
CA GLN B 482 -1.61 -6.86 -11.31
C GLN B 482 -0.18 -7.42 -11.26
N SER B 483 0.77 -6.50 -11.39
CA SER B 483 2.16 -6.85 -11.19
C SER B 483 2.38 -7.35 -9.76
N LEU B 484 3.29 -8.32 -9.62
CA LEU B 484 3.59 -8.87 -8.30
C LEU B 484 4.20 -7.84 -7.37
N LEU B 485 4.89 -6.84 -7.92
CA LEU B 485 5.58 -5.83 -7.13
C LEU B 485 4.60 -4.91 -6.39
N GLY B 486 5.01 -4.51 -5.20
CA GLY B 486 4.24 -3.52 -4.48
C GLY B 486 4.82 -3.24 -3.11
N ALA B 487 4.04 -2.50 -2.32
CA ALA B 487 4.39 -2.09 -0.96
C ALA B 487 3.63 -2.92 0.08
#